data_6TFQ
#
_entry.id   6TFQ
#
_cell.length_a   155.980
_cell.length_b   155.980
_cell.length_c   181.750
_cell.angle_alpha   90.000
_cell.angle_beta   90.000
_cell.angle_gamma   120.000
#
_symmetry.space_group_name_H-M   'P 32 1 2'
#
loop_
_entity.id
_entity.type
_entity.pdbx_description
1 polymer 'ABC transporter substrate-binding protein'
2 non-polymer alpha-D-glucopyranose
3 non-polymer '(2~{R})-2-[[(3~{R},4~{R},5~{S})-3,4,5,6-tetrakis(oxidanyl)-2-oxidanylidene-hexyl]amino]pentanedioic acid'
4 non-polymer 'SULFATE ION'
5 non-polymer 'CHLORIDE ION'
6 water water
#
_entity_poly.entity_id   1
_entity_poly.type   'polypeptide(L)'
_entity_poly.pdbx_seq_one_letter_code
;(MSE)AKTELS(MSE)GVASEDVTTLDPHFATTTSDRTLVSYIYGALVRFAPGSANPSSIEADLAESWESNADQLVWTFK
LRPDVKWQGGYGNVTADDVVFSLDKARDPKRSAFSGDYAAIQKVEAVDAKTVRITLTRRVPSLLALLSNFSGGFIIPKKA
FKERGDDFKRRPVGFGPFQVESIQPGQSVTLTANAEYFRGKPKLSKISYRFLNNEAARDLAFESGELDVEQGNQDQRWLQ
RLTANPENVVDTIEPAELNLLHINITKPPFNDIRVRQALAHTVNAAQIAKYRGERVNRAVPSVIPSNNLGFDPDAGVLNY
DPAQSKKLLAEAGFPNGVTVT(MSE)VASQLPGLESLAQLIQAQVAEGGFTLNLQPVEHAAWHQ(MSE)IRKDLSPIVLY
GAARFPIADYYLTQFYHSASEIGKPTQVVNFSHCNVADKQIEAARTETDPNKQIELWKEAQKLIVSNVCAIPLTENLGTW
ARKNKLGWGFELKGS(MSE)PSAPLITEQTYFKDHHHHHH
;
_entity_poly.pdbx_strand_id   A,B
#
loop_
_chem_comp.id
_chem_comp.type
_chem_comp.name
_chem_comp.formula
CL non-polymer 'CHLORIDE ION' 'Cl -1'
GLC D-saccharide, alpha linking alpha-D-glucopyranose 'C6 H12 O6'
N72 non-polymer '(2~{R})-2-[[(3~{R},4~{R},5~{S})-3,4,5,6-tetrakis(oxidanyl)-2-oxidanylidene-hexyl]amino]pentanedioic acid' 'C11 H19 N O9'
SO4 non-polymer 'SULFATE ION' 'O4 S -2'
#
# COMPACT_ATOMS: atom_id res chain seq x y z
N ALA A 2 29.02 -30.37 -18.42
CA ALA A 2 27.58 -30.12 -18.50
C ALA A 2 27.19 -28.84 -17.77
N LYS A 3 26.21 -28.08 -18.32
CA LYS A 3 25.69 -26.84 -17.70
C LYS A 3 24.84 -27.22 -16.49
N THR A 4 25.08 -26.60 -15.32
CA THR A 4 24.36 -26.91 -14.06
C THR A 4 23.75 -25.67 -13.39
N GLU A 5 23.95 -24.49 -13.95
CA GLU A 5 23.43 -23.25 -13.37
C GLU A 5 22.28 -22.69 -14.19
N LEU A 6 21.08 -22.68 -13.58
CA LEU A 6 19.86 -22.22 -14.22
C LEU A 6 19.53 -20.76 -13.89
N SER A 7 19.16 -19.97 -14.90
CA SER A 7 18.73 -18.58 -14.78
C SER A 7 17.25 -18.51 -15.14
N MSE A 8 16.48 -17.93 -14.25
CA MSE A 8 15.03 -17.85 -14.36
C MSE A 8 14.55 -16.42 -14.11
O MSE A 8 14.99 -15.82 -13.13
CB MSE A 8 14.49 -18.81 -13.30
CG MSE A 8 13.07 -19.15 -13.45
SE MSE A 8 12.62 -20.48 -12.07
CE MSE A 8 10.81 -20.13 -12.10
N GLY A 9 13.66 -15.90 -14.97
CA GLY A 9 13.10 -14.56 -14.86
C GLY A 9 11.61 -14.58 -14.60
N VAL A 10 11.16 -13.88 -13.53
CA VAL A 10 9.74 -13.94 -13.12
C VAL A 10 9.07 -12.56 -13.08
N ALA A 11 7.72 -12.53 -13.16
CA ALA A 11 6.93 -11.29 -13.08
C ALA A 11 6.74 -10.93 -11.59
N SER A 12 7.79 -10.42 -10.96
CA SER A 12 7.83 -10.04 -9.55
C SER A 12 8.92 -9.01 -9.31
N GLU A 13 8.77 -8.20 -8.26
CA GLU A 13 9.74 -7.17 -7.86
C GLU A 13 10.68 -7.66 -6.79
N ASP A 14 10.24 -8.61 -5.96
CA ASP A 14 11.04 -9.03 -4.81
C ASP A 14 10.43 -10.22 -4.08
N VAL A 15 11.17 -10.74 -3.11
CA VAL A 15 10.74 -11.77 -2.16
C VAL A 15 10.03 -10.99 -1.05
N THR A 16 8.87 -11.45 -0.62
CA THR A 16 8.21 -10.84 0.53
C THR A 16 8.51 -11.78 1.73
N THR A 17 8.12 -13.05 1.60
CA THR A 17 8.32 -14.03 2.66
C THR A 17 8.54 -15.44 2.11
N LEU A 18 9.50 -16.15 2.69
CA LEU A 18 9.76 -17.54 2.36
C LEU A 18 9.33 -18.47 3.51
N ASP A 19 8.50 -17.92 4.44
CA ASP A 19 7.82 -18.72 5.47
C ASP A 19 6.59 -19.29 4.70
N PRO A 20 6.44 -20.64 4.55
CA PRO A 20 5.32 -21.19 3.76
C PRO A 20 3.91 -20.97 4.31
N HIS A 21 3.81 -20.62 5.61
CA HIS A 21 2.53 -20.30 6.25
C HIS A 21 2.08 -18.88 5.87
N PHE A 22 2.98 -18.07 5.24
CA PHE A 22 2.65 -16.71 4.80
C PHE A 22 2.81 -16.47 3.28
N ALA A 23 3.68 -17.25 2.58
CA ALA A 23 3.94 -17.10 1.13
C ALA A 23 2.63 -17.21 0.31
N THR A 24 2.24 -16.10 -0.30
CA THR A 24 0.97 -15.93 -1.01
C THR A 24 1.12 -15.54 -2.46
N THR A 25 2.04 -14.63 -2.79
CA THR A 25 2.24 -14.20 -4.17
C THR A 25 2.78 -15.40 -4.94
N THR A 26 2.47 -15.49 -6.24
CA THR A 26 2.99 -16.57 -7.09
C THR A 26 4.49 -16.76 -6.92
N SER A 27 5.27 -15.66 -6.97
CA SER A 27 6.72 -15.68 -6.83
C SER A 27 7.20 -16.29 -5.50
N ASP A 28 6.63 -15.87 -4.36
CA ASP A 28 7.01 -16.44 -3.05
C ASP A 28 6.65 -17.92 -2.96
N ARG A 29 5.44 -18.29 -3.46
CA ARG A 29 4.95 -19.67 -3.50
C ARG A 29 5.83 -20.55 -4.36
N THR A 30 6.33 -20.01 -5.49
CA THR A 30 7.24 -20.72 -6.40
C THR A 30 8.57 -21.05 -5.68
N LEU A 31 9.22 -20.04 -5.06
CA LEU A 31 10.46 -20.25 -4.33
C LEU A 31 10.27 -21.25 -3.19
N VAL A 32 9.14 -21.16 -2.47
CA VAL A 32 8.76 -22.05 -1.37
C VAL A 32 8.62 -23.53 -1.88
N SER A 33 8.06 -23.74 -3.09
CA SER A 33 7.93 -25.07 -3.71
C SER A 33 9.30 -25.73 -4.03
N TYR A 34 10.38 -24.92 -4.14
CA TYR A 34 11.74 -25.38 -4.43
C TYR A 34 12.53 -25.73 -3.17
N ILE A 35 12.20 -25.04 -2.05
CA ILE A 35 12.88 -25.12 -0.75
C ILE A 35 12.35 -26.21 0.17
N TYR A 36 11.02 -26.36 0.20
CA TYR A 36 10.38 -27.26 1.13
C TYR A 36 9.71 -28.46 0.49
N GLY A 37 9.35 -29.40 1.35
CA GLY A 37 8.52 -30.56 1.07
C GLY A 37 7.42 -30.59 2.12
N ALA A 38 6.56 -31.61 2.07
CA ALA A 38 5.46 -31.78 3.02
C ALA A 38 5.32 -33.27 3.38
N LEU A 39 4.30 -33.64 4.20
CA LEU A 39 4.06 -35.05 4.54
C LEU A 39 3.78 -35.86 3.25
N VAL A 40 2.92 -35.31 2.40
CA VAL A 40 2.51 -35.89 1.12
C VAL A 40 2.73 -34.84 0.04
N ARG A 41 2.72 -35.27 -1.23
CA ARG A 41 2.91 -34.32 -2.31
C ARG A 41 2.14 -34.67 -3.57
N PHE A 42 1.99 -33.66 -4.42
CA PHE A 42 1.48 -33.82 -5.77
C PHE A 42 2.66 -34.46 -6.52
N ALA A 43 2.40 -35.29 -7.52
CA ALA A 43 3.50 -35.82 -8.31
C ALA A 43 4.16 -34.63 -9.07
N PRO A 44 5.52 -34.54 -9.18
CA PRO A 44 6.13 -33.43 -9.94
C PRO A 44 5.57 -33.37 -11.38
N GLY A 45 5.16 -32.17 -11.80
CA GLY A 45 4.54 -31.97 -13.11
C GLY A 45 3.03 -32.12 -13.10
N SER A 46 2.44 -32.40 -11.92
CA SER A 46 0.99 -32.50 -11.80
C SER A 46 0.41 -31.53 -10.76
N ALA A 47 -0.76 -30.92 -11.06
CA ALA A 47 -1.52 -30.10 -10.10
C ALA A 47 -2.84 -30.92 -9.80
N ASN A 48 -2.88 -32.22 -10.20
CA ASN A 48 -3.99 -33.16 -10.05
C ASN A 48 -3.97 -33.87 -8.69
N PRO A 49 -5.04 -33.67 -7.86
CA PRO A 49 -5.10 -34.33 -6.54
C PRO A 49 -4.99 -35.87 -6.54
N SER A 50 -5.39 -36.54 -7.63
CA SER A 50 -5.29 -38.00 -7.78
C SER A 50 -3.82 -38.51 -7.70
N SER A 51 -2.85 -37.61 -7.94
CA SER A 51 -1.41 -37.86 -7.89
C SER A 51 -0.82 -37.72 -6.47
N ILE A 52 -1.64 -37.33 -5.45
CA ILE A 52 -1.15 -37.17 -4.06
C ILE A 52 -0.50 -38.49 -3.62
N GLU A 53 0.76 -38.38 -3.23
CA GLU A 53 1.62 -39.51 -2.94
C GLU A 53 2.60 -39.18 -1.82
N ALA A 54 3.31 -40.21 -1.36
CA ALA A 54 4.27 -40.11 -0.28
C ALA A 54 5.40 -39.08 -0.55
N ASP A 55 5.69 -38.23 0.46
CA ASP A 55 6.78 -37.28 0.45
C ASP A 55 7.59 -37.53 1.73
N LEU A 56 7.44 -36.70 2.81
CA LEU A 56 8.13 -36.98 4.09
C LEU A 56 7.49 -38.21 4.77
N ALA A 57 6.15 -38.32 4.65
CA ALA A 57 5.46 -39.50 5.16
C ALA A 57 5.62 -40.58 4.10
N GLU A 58 6.17 -41.73 4.52
CA GLU A 58 6.34 -42.95 3.72
C GLU A 58 4.93 -43.51 3.42
N SER A 59 4.06 -43.55 4.46
CA SER A 59 2.71 -44.07 4.38
C SER A 59 1.82 -43.46 5.45
N TRP A 60 0.52 -43.76 5.37
CA TRP A 60 -0.49 -43.25 6.28
C TRP A 60 -1.67 -44.19 6.40
N GLU A 61 -2.43 -44.02 7.47
CA GLU A 61 -3.62 -44.79 7.82
C GLU A 61 -4.70 -43.85 8.33
N SER A 62 -5.96 -44.16 8.02
CA SER A 62 -7.10 -43.40 8.55
C SER A 62 -8.11 -44.38 9.14
N ASN A 63 -8.97 -43.90 10.04
CA ASN A 63 -10.05 -44.71 10.62
C ASN A 63 -11.29 -44.50 9.73
N ALA A 64 -12.36 -45.27 9.94
CA ALA A 64 -13.60 -45.21 9.14
C ALA A 64 -14.31 -43.87 9.16
N ASP A 65 -14.33 -43.17 10.32
CA ASP A 65 -15.02 -41.87 10.39
C ASP A 65 -14.18 -40.72 9.79
N GLN A 66 -12.95 -41.06 9.32
CA GLN A 66 -11.97 -40.18 8.67
C GLN A 66 -11.55 -38.97 9.55
N LEU A 67 -11.54 -39.16 10.88
CA LEU A 67 -11.17 -38.09 11.83
C LEU A 67 -9.76 -38.27 12.38
N VAL A 68 -9.25 -39.50 12.35
CA VAL A 68 -7.92 -39.81 12.89
C VAL A 68 -7.03 -40.31 11.76
N TRP A 69 -5.95 -39.58 11.51
CA TRP A 69 -4.98 -39.88 10.45
C TRP A 69 -3.58 -40.02 11.04
N THR A 70 -2.94 -41.18 10.79
CA THR A 70 -1.59 -41.46 11.30
C THR A 70 -0.60 -41.54 10.16
N PHE A 71 0.50 -40.79 10.27
CA PHE A 71 1.56 -40.72 9.25
C PHE A 71 2.86 -41.31 9.75
N LYS A 72 3.44 -42.22 8.96
CA LYS A 72 4.73 -42.83 9.26
C LYS A 72 5.78 -42.11 8.45
N LEU A 73 6.71 -41.45 9.15
CA LEU A 73 7.76 -40.64 8.54
C LEU A 73 8.93 -41.45 8.04
N ARG A 74 9.49 -41.01 6.89
CA ARG A 74 10.71 -41.58 6.31
C ARG A 74 11.84 -41.24 7.28
N PRO A 75 12.69 -42.22 7.67
CA PRO A 75 13.78 -41.91 8.61
C PRO A 75 15.01 -41.18 8.03
N ASP A 76 15.21 -41.24 6.69
CA ASP A 76 16.38 -40.68 5.99
C ASP A 76 16.28 -39.17 5.59
N VAL A 77 15.19 -38.47 5.97
CA VAL A 77 15.00 -37.07 5.56
C VAL A 77 15.72 -36.08 6.50
N LYS A 78 16.67 -35.34 5.93
CA LYS A 78 17.44 -34.37 6.68
C LYS A 78 17.13 -32.92 6.31
N TRP A 79 17.17 -32.03 7.31
CA TRP A 79 16.99 -30.61 7.12
C TRP A 79 18.22 -30.01 6.47
N GLN A 80 18.05 -28.88 5.77
CA GLN A 80 19.15 -28.06 5.23
C GLN A 80 19.78 -27.36 6.43
N GLY A 81 20.96 -26.80 6.23
CA GLY A 81 21.68 -25.99 7.22
C GLY A 81 22.02 -26.61 8.56
N GLY A 82 22.29 -27.91 8.56
CA GLY A 82 22.70 -28.69 9.72
C GLY A 82 21.69 -28.87 10.83
N TYR A 83 20.37 -28.77 10.52
CA TYR A 83 19.36 -28.96 11.56
C TYR A 83 19.00 -30.45 11.81
N GLY A 84 19.74 -31.36 11.16
CA GLY A 84 19.64 -32.80 11.33
C GLY A 84 18.39 -33.45 10.79
N ASN A 85 18.02 -34.59 11.37
CA ASN A 85 16.87 -35.39 10.96
C ASN A 85 15.53 -34.68 11.12
N VAL A 86 14.63 -34.87 10.16
CA VAL A 86 13.27 -34.32 10.20
C VAL A 86 12.47 -35.26 11.13
N THR A 87 11.91 -34.70 12.21
CA THR A 87 11.18 -35.50 13.21
C THR A 87 9.68 -35.19 13.25
N ALA A 88 8.94 -36.01 14.01
CA ALA A 88 7.49 -35.84 14.25
C ALA A 88 7.25 -34.52 15.01
N ASP A 89 8.19 -34.12 15.92
CA ASP A 89 8.15 -32.86 16.67
C ASP A 89 8.14 -31.64 15.72
N ASP A 90 8.88 -31.73 14.60
CA ASP A 90 8.91 -30.68 13.55
C ASP A 90 7.56 -30.58 12.85
N VAL A 91 6.91 -31.74 12.60
CA VAL A 91 5.60 -31.82 11.94
C VAL A 91 4.53 -31.23 12.87
N VAL A 92 4.54 -31.61 14.17
CA VAL A 92 3.63 -31.09 15.21
C VAL A 92 3.78 -29.56 15.26
N PHE A 93 5.03 -29.06 15.39
CA PHE A 93 5.33 -27.63 15.40
C PHE A 93 4.80 -26.92 14.13
N SER A 94 5.10 -27.48 12.94
CA SER A 94 4.69 -26.87 11.65
C SER A 94 3.16 -26.79 11.51
N LEU A 95 2.46 -27.90 11.78
CA LEU A 95 0.99 -27.96 11.65
C LEU A 95 0.27 -27.13 12.70
N ASP A 96 0.83 -27.06 13.93
CA ASP A 96 0.29 -26.21 15.00
C ASP A 96 0.47 -24.74 14.64
N LYS A 97 1.57 -24.40 13.96
CA LYS A 97 1.84 -23.05 13.49
C LYS A 97 0.89 -22.72 12.31
N ALA A 98 0.79 -23.65 11.32
CA ALA A 98 -0.08 -23.53 10.13
C ALA A 98 -1.54 -23.28 10.51
N ARG A 99 -2.04 -23.93 11.59
CA ARG A 99 -3.42 -23.80 12.05
C ARG A 99 -3.65 -22.64 13.03
N ASP A 100 -2.58 -21.88 13.34
CA ASP A 100 -2.66 -20.75 14.25
C ASP A 100 -2.86 -19.43 13.47
N PRO A 101 -4.01 -18.73 13.67
CA PRO A 101 -4.24 -17.47 12.93
C PRO A 101 -3.23 -16.33 13.21
N LYS A 102 -2.51 -16.42 14.34
CA LYS A 102 -1.49 -15.43 14.74
C LYS A 102 -0.12 -15.71 14.10
N ARG A 103 0.09 -16.94 13.59
CA ARG A 103 1.37 -17.37 13.01
C ARG A 103 1.23 -17.96 11.59
N SER A 104 0.08 -17.71 10.94
CA SER A 104 -0.21 -18.26 9.62
C SER A 104 -1.28 -17.45 8.90
N ALA A 105 -1.11 -17.30 7.58
CA ALA A 105 -2.10 -16.68 6.71
C ALA A 105 -3.15 -17.73 6.28
N PHE A 106 -2.84 -19.04 6.47
CA PHE A 106 -3.72 -20.13 6.00
C PHE A 106 -4.37 -20.96 7.12
N SER A 107 -4.53 -20.39 8.32
CA SER A 107 -5.10 -21.11 9.47
C SER A 107 -6.52 -21.66 9.28
N GLY A 108 -7.35 -20.93 8.52
CA GLY A 108 -8.73 -21.30 8.20
C GLY A 108 -8.88 -22.68 7.56
N ASP A 109 -7.90 -23.07 6.72
CA ASP A 109 -7.85 -24.38 6.05
C ASP A 109 -7.78 -25.54 7.08
N TYR A 110 -7.17 -25.26 8.24
CA TYR A 110 -6.88 -26.22 9.30
C TYR A 110 -7.81 -26.13 10.49
N ALA A 111 -8.94 -25.38 10.37
CA ALA A 111 -9.92 -25.15 11.45
C ALA A 111 -10.47 -26.44 12.08
N ALA A 112 -10.69 -27.49 11.26
CA ALA A 112 -11.19 -28.78 11.75
C ALA A 112 -10.18 -29.56 12.59
N ILE A 113 -8.86 -29.25 12.52
CA ILE A 113 -7.85 -29.96 13.33
C ILE A 113 -8.08 -29.66 14.83
N GLN A 114 -8.20 -30.71 15.63
CA GLN A 114 -8.36 -30.63 17.08
C GLN A 114 -6.95 -30.68 17.70
N LYS A 115 -6.13 -31.66 17.28
CA LYS A 115 -4.74 -31.84 17.76
C LYS A 115 -3.82 -32.56 16.76
N VAL A 116 -2.51 -32.33 16.92
CA VAL A 116 -1.42 -32.93 16.16
C VAL A 116 -0.45 -33.46 17.21
N GLU A 117 -0.21 -34.78 17.19
CA GLU A 117 0.64 -35.43 18.19
C GLU A 117 1.78 -36.21 17.58
N ALA A 118 2.93 -36.16 18.26
CA ALA A 118 4.12 -36.94 17.90
C ALA A 118 4.00 -38.24 18.75
N VAL A 119 3.42 -39.32 18.16
CA VAL A 119 3.25 -40.64 18.82
C VAL A 119 4.64 -41.15 19.23
N ASP A 120 5.61 -41.03 18.31
CA ASP A 120 7.05 -41.31 18.49
C ASP A 120 7.80 -40.42 17.50
N ALA A 121 9.13 -40.48 17.44
CA ALA A 121 9.96 -39.64 16.55
C ALA A 121 9.63 -39.73 15.03
N LYS A 122 9.04 -40.87 14.60
CA LYS A 122 8.70 -41.17 13.21
C LYS A 122 7.19 -41.30 12.96
N THR A 123 6.35 -40.94 13.96
CA THR A 123 4.90 -41.12 13.84
C THR A 123 4.12 -39.88 14.26
N VAL A 124 3.25 -39.39 13.35
CA VAL A 124 2.43 -38.21 13.56
C VAL A 124 0.95 -38.58 13.52
N ARG A 125 0.19 -38.26 14.58
CA ARG A 125 -1.25 -38.50 14.60
C ARG A 125 -1.98 -37.14 14.52
N ILE A 126 -2.93 -37.06 13.59
CA ILE A 126 -3.77 -35.87 13.40
C ILE A 126 -5.21 -36.24 13.73
N THR A 127 -5.80 -35.49 14.67
CA THR A 127 -7.19 -35.70 15.09
C THR A 127 -8.01 -34.51 14.67
N LEU A 128 -9.13 -34.79 13.98
CA LEU A 128 -10.06 -33.79 13.46
C LEU A 128 -11.32 -33.75 14.33
N THR A 129 -11.85 -32.53 14.57
CA THR A 129 -13.08 -32.26 15.33
C THR A 129 -14.29 -32.72 14.48
N ARG A 130 -14.19 -32.51 13.17
CA ARG A 130 -15.19 -32.82 12.15
C ARG A 130 -14.49 -33.26 10.85
N ARG A 131 -15.27 -33.80 9.91
CA ARG A 131 -14.76 -34.24 8.61
C ARG A 131 -14.36 -33.06 7.73
N VAL A 132 -13.30 -33.24 6.94
CA VAL A 132 -12.83 -32.26 5.95
C VAL A 132 -13.01 -32.93 4.57
N PRO A 133 -13.29 -32.16 3.48
CA PRO A 133 -13.43 -32.81 2.16
C PRO A 133 -12.23 -33.69 1.79
N SER A 134 -11.00 -33.23 2.10
CA SER A 134 -9.77 -34.00 1.86
C SER A 134 -8.69 -33.60 2.84
N LEU A 135 -8.34 -34.50 3.78
CA LEU A 135 -7.28 -34.18 4.73
C LEU A 135 -5.89 -34.18 4.06
N LEU A 136 -5.68 -35.09 3.09
CA LEU A 136 -4.42 -35.20 2.35
C LEU A 136 -4.07 -33.91 1.60
N ALA A 137 -5.10 -33.19 1.09
CA ALA A 137 -5.02 -31.90 0.38
C ALA A 137 -4.33 -30.83 1.26
N LEU A 138 -4.73 -30.79 2.52
CA LEU A 138 -4.22 -29.90 3.56
C LEU A 138 -2.78 -30.18 3.93
N LEU A 139 -2.34 -31.42 3.73
CA LEU A 139 -1.00 -31.84 4.10
C LEU A 139 -0.06 -31.99 2.90
N SER A 140 -0.50 -31.52 1.72
CA SER A 140 0.30 -31.57 0.50
C SER A 140 1.26 -30.37 0.38
N ASN A 141 2.18 -30.41 -0.60
CA ASN A 141 3.20 -29.37 -0.82
C ASN A 141 2.60 -28.11 -1.48
N PHE A 142 1.70 -27.43 -0.73
CA PHE A 142 1.07 -26.18 -1.12
C PHE A 142 0.57 -25.48 0.13
N SER A 143 0.60 -24.14 0.15
CA SER A 143 0.14 -23.30 1.26
C SER A 143 0.71 -23.76 2.62
N GLY A 144 -0.16 -24.06 3.59
CA GLY A 144 0.23 -24.45 4.94
C GLY A 144 0.71 -25.87 5.18
N GLY A 145 0.72 -26.70 4.14
CA GLY A 145 1.16 -28.10 4.24
C GLY A 145 2.67 -28.30 4.38
N PHE A 146 3.47 -27.37 3.86
CA PHE A 146 4.94 -27.43 3.93
C PHE A 146 5.49 -27.51 5.36
N ILE A 147 6.44 -28.42 5.59
CA ILE A 147 7.04 -28.66 6.90
C ILE A 147 8.31 -27.84 7.09
N ILE A 148 8.42 -27.17 8.26
CA ILE A 148 9.55 -26.32 8.67
C ILE A 148 10.17 -26.87 9.98
N PRO A 149 11.47 -26.60 10.25
CA PRO A 149 12.06 -27.11 11.49
C PRO A 149 11.70 -26.23 12.68
N LYS A 150 11.32 -26.87 13.79
CA LYS A 150 11.00 -26.21 15.06
C LYS A 150 12.23 -25.39 15.56
N LYS A 151 13.41 -26.03 15.65
CA LYS A 151 14.65 -25.39 16.12
C LYS A 151 15.11 -24.24 15.23
N ALA A 152 15.00 -24.39 13.90
CA ALA A 152 15.38 -23.33 12.96
C ALA A 152 14.45 -22.12 13.07
N PHE A 153 13.11 -22.35 13.20
CA PHE A 153 12.16 -21.25 13.37
C PHE A 153 12.35 -20.54 14.72
N LYS A 154 12.62 -21.32 15.80
CA LYS A 154 12.88 -20.77 17.14
C LYS A 154 14.11 -19.85 17.14
N GLU A 155 15.22 -20.31 16.52
CA GLU A 155 16.48 -19.58 16.43
C GLU A 155 16.38 -18.33 15.55
N ARG A 156 15.86 -18.47 14.32
CA ARG A 156 15.83 -17.39 13.31
C ARG A 156 14.68 -16.39 13.46
N GLY A 157 13.53 -16.85 14.00
CA GLY A 157 12.35 -16.03 14.22
C GLY A 157 11.93 -15.17 13.05
N ASP A 158 12.05 -13.83 13.21
CA ASP A 158 11.72 -12.82 12.20
C ASP A 158 12.60 -12.90 10.96
N ASP A 159 13.81 -13.50 11.09
CA ASP A 159 14.76 -13.68 9.99
C ASP A 159 14.47 -14.92 9.14
N PHE A 160 13.68 -15.87 9.65
CA PHE A 160 13.32 -17.12 8.97
C PHE A 160 12.70 -16.88 7.59
N LYS A 161 11.84 -15.87 7.43
CA LYS A 161 11.21 -15.51 6.15
C LYS A 161 12.25 -15.12 5.06
N ARG A 162 13.48 -14.75 5.49
CA ARG A 162 14.59 -14.32 4.64
C ARG A 162 15.71 -15.36 4.62
N ARG A 163 15.72 -16.25 5.62
CA ARG A 163 16.74 -17.32 5.77
C ARG A 163 16.00 -18.65 5.96
N PRO A 164 15.23 -19.11 4.94
CA PRO A 164 14.41 -20.32 5.13
C PRO A 164 15.20 -21.61 5.25
N VAL A 165 14.62 -22.58 5.97
CA VAL A 165 15.19 -23.93 6.15
C VAL A 165 14.12 -24.94 5.80
N GLY A 166 14.36 -25.69 4.73
CA GLY A 166 13.46 -26.76 4.28
C GLY A 166 14.21 -28.08 4.13
N PHE A 167 13.51 -29.10 3.64
CA PHE A 167 14.13 -30.38 3.34
C PHE A 167 14.03 -30.67 1.84
N GLY A 168 13.59 -29.66 1.08
CA GLY A 168 13.45 -29.69 -0.37
C GLY A 168 14.78 -29.75 -1.12
N PRO A 169 14.72 -29.96 -2.46
CA PRO A 169 15.98 -30.13 -3.23
C PRO A 169 16.86 -28.89 -3.38
N PHE A 170 16.34 -27.70 -3.05
CA PHE A 170 17.11 -26.46 -3.15
C PHE A 170 17.05 -25.65 -1.88
N GLN A 171 18.16 -24.97 -1.59
CA GLN A 171 18.28 -24.10 -0.42
C GLN A 171 18.62 -22.68 -0.86
N VAL A 172 18.19 -21.71 -0.07
CA VAL A 172 18.51 -20.29 -0.33
C VAL A 172 19.92 -20.01 0.20
N GLU A 173 20.85 -19.71 -0.70
CA GLU A 173 22.22 -19.35 -0.33
C GLU A 173 22.21 -17.87 0.08
N SER A 174 21.53 -17.02 -0.71
CA SER A 174 21.43 -15.58 -0.47
C SER A 174 20.28 -14.93 -1.21
N ILE A 175 19.81 -13.79 -0.67
CA ILE A 175 18.80 -12.93 -1.29
C ILE A 175 19.51 -11.60 -1.61
N GLN A 176 19.32 -11.11 -2.84
CA GLN A 176 19.81 -9.81 -3.33
C GLN A 176 18.52 -8.99 -3.45
N PRO A 177 18.12 -8.26 -2.37
CA PRO A 177 16.80 -7.60 -2.35
C PRO A 177 16.44 -6.82 -3.62
N GLY A 178 15.29 -7.16 -4.19
CA GLY A 178 14.77 -6.56 -5.43
C GLY A 178 15.52 -6.94 -6.70
N GLN A 179 16.43 -7.91 -6.63
CA GLN A 179 17.24 -8.31 -7.79
C GLN A 179 17.11 -9.81 -8.09
N SER A 180 17.47 -10.65 -7.13
CA SER A 180 17.41 -12.10 -7.32
C SER A 180 17.49 -12.87 -6.01
N VAL A 181 17.23 -14.18 -6.11
CA VAL A 181 17.42 -15.16 -5.04
C VAL A 181 18.41 -16.14 -5.64
N THR A 182 19.50 -16.43 -4.91
CA THR A 182 20.49 -17.42 -5.30
C THR A 182 20.17 -18.69 -4.50
N LEU A 183 19.82 -19.76 -5.22
CA LEU A 183 19.55 -21.04 -4.62
C LEU A 183 20.62 -22.01 -5.04
N THR A 184 21.02 -22.88 -4.13
CA THR A 184 21.99 -23.92 -4.45
C THR A 184 21.33 -25.26 -4.21
N ALA A 185 21.87 -26.31 -4.85
CA ALA A 185 21.40 -27.68 -4.70
C ALA A 185 21.55 -28.11 -3.26
N ASN A 186 20.55 -28.80 -2.73
CA ASN A 186 20.65 -29.42 -1.41
C ASN A 186 21.31 -30.78 -1.74
N ALA A 187 22.64 -30.88 -1.55
CA ALA A 187 23.41 -32.09 -1.85
C ALA A 187 22.94 -33.33 -1.04
N GLU A 188 22.31 -33.09 0.11
CA GLU A 188 21.80 -34.14 0.99
C GLU A 188 20.33 -34.47 0.77
N TYR A 189 19.70 -33.92 -0.30
CA TYR A 189 18.30 -34.18 -0.60
C TYR A 189 18.02 -35.70 -0.64
N PHE A 190 17.00 -36.14 0.13
CA PHE A 190 16.68 -37.54 0.36
C PHE A 190 16.40 -38.36 -0.92
N ARG A 191 15.90 -37.75 -2.02
CA ARG A 191 15.67 -38.49 -3.28
C ARG A 191 16.93 -38.53 -4.19
N GLY A 192 18.00 -37.88 -3.75
CA GLY A 192 19.25 -37.83 -4.49
C GLY A 192 19.70 -36.40 -4.76
N LYS A 193 20.99 -36.26 -5.05
CA LYS A 193 21.63 -34.99 -5.31
C LYS A 193 21.06 -34.33 -6.60
N PRO A 194 20.62 -33.05 -6.56
CA PRO A 194 20.13 -32.41 -7.79
C PRO A 194 21.15 -32.35 -8.92
N LYS A 195 20.64 -32.40 -10.17
CA LYS A 195 21.44 -32.29 -11.39
C LYS A 195 21.88 -30.84 -11.59
N LEU A 196 21.10 -29.88 -11.08
CA LEU A 196 21.46 -28.47 -11.12
C LEU A 196 22.25 -28.17 -9.85
N SER A 197 23.27 -27.32 -9.97
CA SER A 197 24.07 -26.89 -8.82
C SER A 197 23.53 -25.57 -8.27
N LYS A 198 22.99 -24.70 -9.15
CA LYS A 198 22.51 -23.36 -8.79
C LYS A 198 21.29 -22.89 -9.58
N ILE A 199 20.45 -22.07 -8.93
CA ILE A 199 19.32 -21.37 -9.52
C ILE A 199 19.51 -19.88 -9.22
N SER A 200 19.50 -19.07 -10.29
CA SER A 200 19.52 -17.62 -10.18
C SER A 200 18.09 -17.21 -10.55
N TYR A 201 17.28 -16.94 -9.53
CA TYR A 201 15.86 -16.60 -9.63
C TYR A 201 15.75 -15.07 -9.63
N ARG A 202 15.51 -14.49 -10.82
CA ARG A 202 15.56 -13.06 -11.05
C ARG A 202 14.22 -12.35 -11.15
N PHE A 203 14.14 -11.21 -10.43
CA PHE A 203 12.96 -10.33 -10.37
C PHE A 203 12.99 -9.40 -11.59
N LEU A 204 12.17 -9.73 -12.60
CA LEU A 204 12.10 -9.00 -13.86
C LEU A 204 10.64 -8.74 -14.22
N ASN A 205 9.99 -7.85 -13.43
CA ASN A 205 8.57 -7.50 -13.56
C ASN A 205 8.18 -6.98 -14.95
N ASN A 206 8.95 -6.05 -15.50
CA ASN A 206 8.71 -5.48 -16.81
C ASN A 206 8.79 -6.58 -17.89
N GLU A 207 7.66 -6.83 -18.60
CA GLU A 207 7.51 -7.88 -19.63
C GLU A 207 8.44 -7.75 -20.81
N ALA A 208 8.59 -6.53 -21.37
CA ALA A 208 9.45 -6.28 -22.53
C ALA A 208 10.92 -6.55 -22.17
N ALA A 209 11.37 -6.11 -20.99
CA ALA A 209 12.73 -6.34 -20.49
C ALA A 209 12.99 -7.85 -20.21
N ARG A 210 12.00 -8.55 -19.60
CA ARG A 210 12.10 -10.00 -19.31
C ARG A 210 12.19 -10.80 -20.62
N ASP A 211 11.38 -10.43 -21.65
CA ASP A 211 11.37 -11.04 -22.98
C ASP A 211 12.71 -10.86 -23.68
N LEU A 212 13.32 -9.65 -23.58
CA LEU A 212 14.64 -9.37 -24.15
C LEU A 212 15.71 -10.26 -23.51
N ALA A 213 15.67 -10.40 -22.17
CA ALA A 213 16.60 -11.21 -21.40
C ALA A 213 16.48 -12.69 -21.79
N PHE A 214 15.25 -13.20 -21.94
CA PHE A 214 15.05 -14.57 -22.39
C PHE A 214 15.50 -14.77 -23.83
N GLU A 215 15.14 -13.86 -24.75
CA GLU A 215 15.51 -13.94 -26.15
C GLU A 215 17.05 -14.03 -26.34
N SER A 216 17.80 -13.23 -25.58
CA SER A 216 19.27 -13.16 -25.65
C SER A 216 20.00 -14.41 -25.05
N GLY A 217 19.30 -15.21 -24.27
CA GLY A 217 19.89 -16.36 -23.60
C GLY A 217 20.29 -16.06 -22.16
N GLU A 218 20.06 -14.81 -21.69
CA GLU A 218 20.34 -14.38 -20.31
C GLU A 218 19.52 -15.23 -19.33
N LEU A 219 18.30 -15.62 -19.76
CA LEU A 219 17.40 -16.49 -18.99
C LEU A 219 17.19 -17.78 -19.76
N ASP A 220 17.13 -18.89 -19.01
CA ASP A 220 16.83 -20.21 -19.53
C ASP A 220 15.33 -20.47 -19.41
N VAL A 221 14.67 -19.77 -18.48
CA VAL A 221 13.23 -19.85 -18.17
C VAL A 221 12.73 -18.42 -17.96
N GLU A 222 11.55 -18.12 -18.50
CA GLU A 222 10.89 -16.83 -18.26
C GLU A 222 9.41 -17.03 -18.07
N GLN A 223 8.81 -16.17 -17.25
CA GLN A 223 7.37 -16.13 -17.09
C GLN A 223 6.80 -15.38 -18.29
N GLY A 224 5.68 -15.86 -18.81
CA GLY A 224 4.97 -15.22 -19.90
C GLY A 224 3.84 -14.35 -19.40
N ASN A 225 2.89 -14.11 -20.29
CA ASN A 225 1.71 -13.32 -19.97
C ASN A 225 0.45 -14.06 -20.49
N GLN A 226 -0.73 -13.44 -20.43
CA GLN A 226 -1.99 -14.11 -20.87
C GLN A 226 -2.36 -13.80 -22.32
N ASP A 227 -1.51 -13.04 -23.03
CA ASP A 227 -1.76 -12.66 -24.41
C ASP A 227 -1.24 -13.66 -25.44
N GLN A 228 -2.08 -13.96 -26.44
CA GLN A 228 -1.79 -14.92 -27.51
C GLN A 228 -0.58 -14.51 -28.37
N ARG A 229 -0.30 -13.20 -28.52
CA ARG A 229 0.86 -12.71 -29.25
C ARG A 229 2.19 -13.23 -28.66
N TRP A 230 2.35 -13.19 -27.30
CA TRP A 230 3.54 -13.69 -26.57
C TRP A 230 3.69 -15.19 -26.88
N LEU A 231 2.58 -15.92 -26.78
CA LEU A 231 2.44 -17.36 -27.04
C LEU A 231 2.90 -17.68 -28.45
N GLN A 232 2.40 -16.93 -29.46
CA GLN A 232 2.74 -17.07 -30.89
C GLN A 232 4.22 -16.75 -31.16
N ARG A 233 4.70 -15.60 -30.68
CA ARG A 233 6.09 -15.16 -30.88
C ARG A 233 7.11 -16.13 -30.28
N LEU A 234 6.83 -16.64 -29.07
CA LEU A 234 7.77 -17.53 -28.40
C LEU A 234 7.78 -18.94 -28.99
N THR A 235 6.65 -19.42 -29.54
CA THR A 235 6.57 -20.71 -30.23
C THR A 235 7.30 -20.66 -31.59
N ALA A 236 7.28 -19.48 -32.25
CA ALA A 236 7.91 -19.27 -33.56
C ALA A 236 9.42 -19.50 -33.55
N ASN A 237 10.09 -19.27 -32.40
CA ASN A 237 11.53 -19.47 -32.31
C ASN A 237 11.76 -20.93 -31.93
N PRO A 238 12.46 -21.72 -32.79
CA PRO A 238 12.68 -23.15 -32.49
C PRO A 238 13.50 -23.45 -31.23
N GLU A 239 14.27 -22.47 -30.70
CA GLU A 239 15.07 -22.71 -29.49
C GLU A 239 14.21 -22.72 -28.20
N ASN A 240 12.93 -22.38 -28.31
CA ASN A 240 12.04 -22.31 -27.16
C ASN A 240 10.97 -23.35 -27.15
N VAL A 241 10.49 -23.63 -25.95
CA VAL A 241 9.36 -24.50 -25.64
C VAL A 241 8.46 -23.67 -24.69
N VAL A 242 7.17 -23.55 -25.06
CA VAL A 242 6.18 -22.84 -24.25
C VAL A 242 5.38 -23.86 -23.44
N ASP A 243 5.21 -23.59 -22.13
CA ASP A 243 4.42 -24.42 -21.24
C ASP A 243 3.20 -23.64 -20.75
N THR A 244 2.01 -24.24 -20.96
CA THR A 244 0.71 -23.74 -20.55
C THR A 244 0.36 -24.69 -19.40
N ILE A 245 0.44 -24.18 -18.17
CA ILE A 245 0.40 -24.87 -16.87
C ILE A 245 -0.93 -24.77 -16.09
N GLU A 246 -1.42 -25.93 -15.65
CA GLU A 246 -2.57 -26.01 -14.76
C GLU A 246 -2.09 -25.71 -13.32
N PRO A 247 -2.94 -25.22 -12.39
CA PRO A 247 -4.34 -24.88 -12.59
C PRO A 247 -4.52 -23.47 -13.17
N ALA A 248 -5.69 -23.22 -13.77
CA ALA A 248 -6.03 -21.91 -14.28
C ALA A 248 -6.39 -21.00 -13.08
N GLU A 249 -5.88 -19.77 -13.07
CA GLU A 249 -6.21 -18.86 -11.97
C GLU A 249 -7.40 -18.02 -12.37
N LEU A 250 -8.46 -18.06 -11.55
CA LEU A 250 -9.65 -17.26 -11.82
C LEU A 250 -9.52 -15.82 -11.31
N ASN A 251 -9.82 -14.87 -12.19
CA ASN A 251 -9.82 -13.45 -11.92
C ASN A 251 -11.24 -13.00 -11.69
N LEU A 252 -11.47 -12.30 -10.56
CA LEU A 252 -12.80 -11.78 -10.23
C LEU A 252 -12.68 -10.34 -9.76
N LEU A 253 -13.74 -9.56 -9.98
CA LEU A 253 -13.85 -8.23 -9.40
C LEU A 253 -14.65 -8.44 -8.10
N HIS A 254 -13.96 -8.46 -6.95
CA HIS A 254 -14.60 -8.62 -5.64
C HIS A 254 -15.06 -7.23 -5.20
N ILE A 255 -16.38 -7.03 -5.09
CA ILE A 255 -16.94 -5.73 -4.72
C ILE A 255 -17.25 -5.68 -3.24
N ASN A 256 -16.71 -4.68 -2.50
CA ASN A 256 -17.08 -4.53 -1.09
C ASN A 256 -18.57 -4.09 -1.05
N ILE A 257 -19.46 -5.03 -0.66
CA ILE A 257 -20.92 -4.85 -0.64
C ILE A 257 -21.38 -3.89 0.51
N THR A 258 -20.52 -3.56 1.46
CA THR A 258 -20.86 -2.67 2.59
C THR A 258 -20.55 -1.20 2.31
N LYS A 259 -19.85 -0.91 1.20
CA LYS A 259 -19.47 0.46 0.91
C LYS A 259 -20.26 1.15 -0.21
N PRO A 260 -20.87 2.35 0.06
CA PRO A 260 -21.57 3.08 -1.00
C PRO A 260 -20.63 3.46 -2.15
N PRO A 261 -21.08 3.43 -3.43
CA PRO A 261 -22.45 3.16 -3.91
C PRO A 261 -22.80 1.67 -4.10
N PHE A 262 -21.83 0.77 -3.84
CA PHE A 262 -21.96 -0.67 -4.05
C PHE A 262 -22.72 -1.44 -2.97
N ASN A 263 -23.24 -0.73 -1.95
CA ASN A 263 -24.09 -1.35 -0.94
C ASN A 263 -25.54 -1.42 -1.48
N ASP A 264 -25.77 -0.84 -2.67
CA ASP A 264 -27.02 -0.93 -3.43
C ASP A 264 -26.75 -2.01 -4.50
N ILE A 265 -27.49 -3.15 -4.42
CA ILE A 265 -27.38 -4.31 -5.33
C ILE A 265 -27.51 -3.90 -6.82
N ARG A 266 -28.33 -2.84 -7.12
CA ARG A 266 -28.54 -2.34 -8.49
C ARG A 266 -27.23 -1.83 -9.11
N VAL A 267 -26.36 -1.18 -8.30
CA VAL A 267 -25.05 -0.66 -8.71
C VAL A 267 -24.09 -1.81 -9.03
N ARG A 268 -24.09 -2.87 -8.19
CA ARG A 268 -23.29 -4.10 -8.39
C ARG A 268 -23.76 -4.83 -9.66
N GLN A 269 -25.10 -4.94 -9.84
CA GLN A 269 -25.70 -5.58 -11.03
C GLN A 269 -25.33 -4.78 -12.28
N ALA A 270 -25.36 -3.43 -12.21
CA ALA A 270 -24.98 -2.55 -13.32
C ALA A 270 -23.54 -2.85 -13.72
N LEU A 271 -22.64 -2.99 -12.73
CA LEU A 271 -21.24 -3.31 -13.02
C LEU A 271 -21.09 -4.68 -13.68
N ALA A 272 -21.81 -5.70 -13.16
CA ALA A 272 -21.79 -7.08 -13.68
C ALA A 272 -22.28 -7.16 -15.13
N HIS A 273 -23.26 -6.30 -15.49
CA HIS A 273 -23.83 -6.22 -16.82
C HIS A 273 -22.95 -5.46 -17.85
N THR A 274 -21.87 -4.78 -17.43
CA THR A 274 -21.04 -4.03 -18.39
C THR A 274 -19.58 -4.55 -18.47
N VAL A 275 -19.34 -5.67 -17.83
CA VAL A 275 -18.08 -6.38 -17.92
C VAL A 275 -18.39 -7.44 -19.02
N ASN A 276 -17.43 -7.73 -19.90
CA ASN A 276 -17.60 -8.72 -20.95
C ASN A 276 -16.49 -9.77 -20.90
N ALA A 277 -16.68 -10.82 -20.05
CA ALA A 277 -15.73 -11.91 -19.85
C ALA A 277 -15.41 -12.68 -21.13
N ALA A 278 -16.43 -12.93 -21.99
CA ALA A 278 -16.28 -13.63 -23.27
C ALA A 278 -15.37 -12.82 -24.20
N GLN A 279 -15.53 -11.48 -24.23
CA GLN A 279 -14.68 -10.57 -25.01
C GLN A 279 -13.24 -10.57 -24.47
N ILE A 280 -13.06 -10.64 -23.13
CA ILE A 280 -11.72 -10.72 -22.49
C ILE A 280 -10.99 -12.00 -22.96
N ALA A 281 -11.69 -13.16 -22.94
CA ALA A 281 -11.15 -14.46 -23.37
C ALA A 281 -10.76 -14.45 -24.84
N LYS A 282 -11.60 -13.84 -25.69
CA LYS A 282 -11.36 -13.73 -27.13
C LYS A 282 -10.18 -12.80 -27.44
N TYR A 283 -10.11 -11.65 -26.74
CA TYR A 283 -9.03 -10.66 -26.86
C TYR A 283 -7.67 -11.27 -26.43
N ARG A 284 -7.65 -12.01 -25.32
CA ARG A 284 -6.44 -12.62 -24.77
C ARG A 284 -6.01 -13.93 -25.48
N GLY A 285 -6.97 -14.77 -25.86
CA GLY A 285 -6.69 -16.05 -26.52
C GLY A 285 -7.31 -17.21 -25.77
N GLU A 286 -7.95 -18.10 -26.51
CA GLU A 286 -8.72 -19.23 -25.97
C GLU A 286 -7.88 -20.40 -25.44
N ARG A 287 -6.64 -20.57 -25.91
CA ARG A 287 -5.78 -21.66 -25.42
C ARG A 287 -5.45 -21.45 -23.90
N VAL A 288 -5.15 -20.20 -23.51
CA VAL A 288 -4.75 -19.88 -22.16
C VAL A 288 -5.92 -19.38 -21.30
N ASN A 289 -6.87 -18.67 -21.92
CA ASN A 289 -7.95 -17.98 -21.23
C ASN A 289 -9.34 -18.48 -21.55
N ARG A 290 -10.19 -18.52 -20.53
CA ARG A 290 -11.56 -19.00 -20.61
C ARG A 290 -12.44 -18.17 -19.67
N ALA A 291 -13.61 -17.73 -20.16
CA ALA A 291 -14.66 -17.07 -19.39
C ALA A 291 -15.23 -18.18 -18.47
N VAL A 292 -15.52 -17.86 -17.20
CA VAL A 292 -16.00 -18.85 -16.22
C VAL A 292 -17.45 -18.56 -15.82
N PRO A 293 -18.39 -19.52 -16.03
CA PRO A 293 -19.81 -19.26 -15.69
C PRO A 293 -20.15 -19.42 -14.18
N SER A 294 -19.19 -19.18 -13.28
CA SER A 294 -19.36 -19.18 -11.81
C SER A 294 -18.27 -18.33 -11.11
N VAL A 295 -18.30 -18.29 -9.76
CA VAL A 295 -17.40 -17.49 -8.91
C VAL A 295 -16.21 -18.31 -8.34
N ILE A 296 -16.05 -19.55 -8.82
CA ILE A 296 -14.93 -20.42 -8.45
C ILE A 296 -14.31 -20.97 -9.75
N PRO A 297 -13.01 -21.36 -9.77
CA PRO A 297 -12.43 -21.92 -11.01
C PRO A 297 -13.17 -23.18 -11.49
N SER A 298 -13.25 -23.34 -12.82
CA SER A 298 -13.97 -24.42 -13.49
C SER A 298 -13.50 -25.86 -13.17
N ASN A 299 -12.23 -26.04 -12.73
CA ASN A 299 -11.68 -27.35 -12.41
C ASN A 299 -12.09 -27.89 -11.02
N ASN A 300 -12.84 -27.10 -10.24
CA ASN A 300 -13.28 -27.46 -8.89
C ASN A 300 -14.35 -28.54 -8.84
N LEU A 301 -14.20 -29.43 -7.84
CA LEU A 301 -15.18 -30.46 -7.47
C LEU A 301 -16.30 -29.60 -6.87
N GLY A 302 -17.51 -29.69 -7.43
CA GLY A 302 -18.66 -28.89 -6.99
C GLY A 302 -18.92 -27.63 -7.80
N PHE A 303 -18.17 -27.43 -8.90
CA PHE A 303 -18.31 -26.27 -9.81
C PHE A 303 -19.72 -26.19 -10.40
N ASP A 304 -20.29 -24.98 -10.45
CA ASP A 304 -21.62 -24.78 -11.01
C ASP A 304 -21.58 -24.07 -12.38
N PRO A 305 -21.69 -24.83 -13.51
CA PRO A 305 -21.70 -24.16 -14.83
C PRO A 305 -22.99 -23.35 -15.10
N ASP A 306 -24.01 -23.50 -14.22
CA ASP A 306 -25.30 -22.82 -14.32
C ASP A 306 -25.54 -21.90 -13.10
N ALA A 307 -24.48 -21.25 -12.60
CA ALA A 307 -24.54 -20.37 -11.41
C ALA A 307 -25.37 -19.09 -11.61
N GLY A 308 -25.73 -18.76 -12.86
CA GLY A 308 -26.55 -17.61 -13.20
C GLY A 308 -25.82 -16.30 -13.34
N VAL A 309 -24.57 -16.36 -13.86
CA VAL A 309 -23.71 -15.19 -14.10
C VAL A 309 -24.46 -14.16 -14.95
N LEU A 310 -24.40 -12.88 -14.53
CA LEU A 310 -25.10 -11.78 -15.18
C LEU A 310 -24.52 -11.53 -16.57
N ASN A 311 -25.39 -11.43 -17.58
CA ASN A 311 -24.99 -11.29 -18.98
C ASN A 311 -24.50 -9.87 -19.35
N TYR A 312 -23.86 -9.74 -20.52
CA TYR A 312 -23.40 -8.46 -21.03
C TYR A 312 -24.58 -7.68 -21.60
N ASP A 313 -24.97 -6.60 -20.91
CA ASP A 313 -26.09 -5.76 -21.28
C ASP A 313 -25.82 -4.34 -20.73
N PRO A 314 -24.96 -3.54 -21.40
CA PRO A 314 -24.62 -2.21 -20.85
C PRO A 314 -25.79 -1.21 -20.84
N ALA A 315 -26.83 -1.45 -21.66
CA ALA A 315 -28.04 -0.62 -21.68
C ALA A 315 -28.79 -0.82 -20.34
N GLN A 316 -28.81 -2.07 -19.82
CA GLN A 316 -29.41 -2.42 -18.53
C GLN A 316 -28.60 -1.79 -17.39
N SER A 317 -27.24 -1.77 -17.52
CA SER A 317 -26.32 -1.14 -16.57
C SER A 317 -26.69 0.32 -16.32
N LYS A 318 -26.90 1.09 -17.42
CA LYS A 318 -27.27 2.51 -17.37
C LYS A 318 -28.67 2.71 -16.80
N LYS A 319 -29.60 1.77 -17.09
CA LYS A 319 -30.97 1.78 -16.55
C LYS A 319 -30.92 1.53 -15.02
N LEU A 320 -30.11 0.54 -14.58
CA LEU A 320 -29.91 0.21 -13.17
C LEU A 320 -29.25 1.36 -12.39
N LEU A 321 -28.25 2.03 -12.99
CA LEU A 321 -27.58 3.17 -12.37
C LEU A 321 -28.54 4.34 -12.16
N ALA A 322 -29.42 4.64 -13.15
CA ALA A 322 -30.44 5.71 -13.05
C ALA A 322 -31.44 5.40 -11.93
N GLU A 323 -31.86 4.12 -11.79
CA GLU A 323 -32.77 3.67 -10.72
C GLU A 323 -32.13 3.86 -9.35
N ALA A 324 -30.78 3.70 -9.28
CA ALA A 324 -29.97 3.82 -8.08
C ALA A 324 -29.60 5.29 -7.73
N GLY A 325 -30.04 6.24 -8.55
CA GLY A 325 -29.80 7.68 -8.38
C GLY A 325 -28.56 8.20 -9.07
N PHE A 326 -28.09 7.48 -10.13
CA PHE A 326 -26.90 7.87 -10.88
C PHE A 326 -27.22 7.99 -12.39
N PRO A 327 -27.99 9.04 -12.83
CA PRO A 327 -28.32 9.14 -14.26
C PRO A 327 -27.16 9.49 -15.17
N ASN A 328 -26.05 10.01 -14.60
CA ASN A 328 -24.85 10.41 -15.34
C ASN A 328 -23.66 9.47 -15.09
N GLY A 329 -23.94 8.32 -14.50
CA GLY A 329 -22.92 7.31 -14.21
C GLY A 329 -22.31 7.39 -12.83
N VAL A 330 -21.31 6.50 -12.60
CA VAL A 330 -20.59 6.33 -11.33
C VAL A 330 -19.07 6.35 -11.60
N THR A 331 -18.31 6.98 -10.69
CA THR A 331 -16.84 6.98 -10.72
C THR A 331 -16.38 6.10 -9.56
N VAL A 332 -15.46 5.17 -9.85
CA VAL A 332 -14.90 4.23 -8.88
C VAL A 332 -13.39 4.30 -8.97
N THR A 333 -12.70 4.35 -7.81
CA THR A 333 -11.25 4.38 -7.78
C THR A 333 -10.75 3.07 -7.21
N MSE A 334 -10.10 2.27 -8.06
CA MSE A 334 -9.61 0.95 -7.65
C MSE A 334 -8.10 0.95 -7.44
O MSE A 334 -7.34 1.36 -8.32
CB MSE A 334 -10.02 -0.10 -8.69
CG MSE A 334 -9.76 -1.53 -8.26
SE MSE A 334 -10.53 -2.88 -9.52
CE MSE A 334 -9.04 -2.95 -10.83
N VAL A 335 -7.65 0.42 -6.28
CA VAL A 335 -6.23 0.20 -6.01
C VAL A 335 -5.87 -1.06 -6.82
N ALA A 336 -5.03 -0.89 -7.85
CA ALA A 336 -4.69 -1.94 -8.82
C ALA A 336 -3.24 -2.41 -8.79
N SER A 337 -3.07 -3.71 -8.73
CA SER A 337 -1.75 -4.34 -8.75
C SER A 337 -0.95 -4.03 -10.03
N GLN A 338 0.36 -3.81 -9.87
CA GLN A 338 1.27 -3.60 -10.97
C GLN A 338 1.89 -4.92 -11.49
N LEU A 339 1.37 -6.10 -11.03
CA LEU A 339 1.70 -7.40 -11.62
C LEU A 339 1.18 -7.21 -13.08
N PRO A 340 2.03 -7.34 -14.14
CA PRO A 340 1.59 -6.93 -15.49
C PRO A 340 0.29 -7.56 -16.01
N GLY A 341 0.04 -8.83 -15.70
CA GLY A 341 -1.20 -9.50 -16.10
C GLY A 341 -2.43 -8.89 -15.46
N LEU A 342 -2.34 -8.54 -14.16
CA LEU A 342 -3.44 -7.89 -13.42
C LEU A 342 -3.63 -6.44 -13.91
N GLU A 343 -2.52 -5.77 -14.24
CA GLU A 343 -2.53 -4.40 -14.74
C GLU A 343 -3.23 -4.33 -16.12
N SER A 344 -2.92 -5.27 -17.03
CA SER A 344 -3.51 -5.37 -18.37
C SER A 344 -5.00 -5.66 -18.27
N LEU A 345 -5.36 -6.55 -17.34
CA LEU A 345 -6.75 -6.96 -17.13
C LEU A 345 -7.59 -5.78 -16.61
N ALA A 346 -7.07 -5.01 -15.63
CA ALA A 346 -7.72 -3.82 -15.08
C ALA A 346 -7.93 -2.78 -16.18
N GLN A 347 -6.93 -2.64 -17.10
CA GLN A 347 -6.99 -1.69 -18.22
C GLN A 347 -8.11 -2.10 -19.23
N LEU A 348 -8.25 -3.42 -19.50
CA LEU A 348 -9.32 -3.87 -20.39
C LEU A 348 -10.70 -3.67 -19.69
N ILE A 349 -10.80 -3.98 -18.35
CA ILE A 349 -12.04 -3.77 -17.58
CA ILE A 349 -12.03 -3.77 -17.56
C ILE A 349 -12.46 -2.30 -17.64
N GLN A 350 -11.49 -1.37 -17.43
CA GLN A 350 -11.70 0.08 -17.47
C GLN A 350 -12.37 0.53 -18.79
N ALA A 351 -11.89 0.03 -19.95
CA ALA A 351 -12.49 0.35 -21.26
C ALA A 351 -13.93 -0.21 -21.39
N GLN A 352 -14.15 -1.45 -20.95
CA GLN A 352 -15.44 -2.16 -20.99
C GLN A 352 -16.56 -1.53 -20.17
N VAL A 353 -16.27 -1.19 -18.90
CA VAL A 353 -17.26 -0.69 -17.94
C VAL A 353 -17.72 0.76 -18.25
N ALA A 354 -16.98 1.50 -19.10
CA ALA A 354 -17.35 2.84 -19.54
C ALA A 354 -18.63 2.76 -20.39
N GLU A 355 -18.83 1.63 -21.11
CA GLU A 355 -20.02 1.35 -21.92
C GLU A 355 -21.31 1.41 -21.07
N GLY A 356 -21.25 0.88 -19.84
CA GLY A 356 -22.38 0.85 -18.92
C GLY A 356 -22.44 1.97 -17.90
N GLY A 357 -21.67 3.04 -18.13
CA GLY A 357 -21.67 4.22 -17.27
C GLY A 357 -20.69 4.26 -16.11
N PHE A 358 -19.68 3.37 -16.08
CA PHE A 358 -18.69 3.41 -15.00
C PHE A 358 -17.39 4.05 -15.45
N THR A 359 -16.92 5.07 -14.71
CA THR A 359 -15.60 5.66 -14.92
C THR A 359 -14.73 4.99 -13.86
N LEU A 360 -13.91 4.02 -14.31
CA LEU A 360 -13.02 3.29 -13.41
C LEU A 360 -11.63 3.92 -13.43
N ASN A 361 -11.24 4.52 -12.30
CA ASN A 361 -9.92 5.09 -12.14
C ASN A 361 -9.00 4.06 -11.48
N LEU A 362 -7.78 3.96 -11.97
CA LEU A 362 -6.85 2.95 -11.45
C LEU A 362 -5.67 3.59 -10.75
N GLN A 363 -5.46 3.21 -9.48
CA GLN A 363 -4.32 3.67 -8.67
C GLN A 363 -3.30 2.51 -8.67
N PRO A 364 -2.27 2.58 -9.54
CA PRO A 364 -1.28 1.49 -9.61
C PRO A 364 -0.38 1.39 -8.38
N VAL A 365 -0.23 0.16 -7.84
CA VAL A 365 0.60 -0.12 -6.66
C VAL A 365 1.37 -1.43 -6.92
N GLU A 366 2.65 -1.46 -6.51
CA GLU A 366 3.48 -2.65 -6.58
C GLU A 366 2.69 -3.83 -5.93
N HIS A 367 2.70 -5.00 -6.60
CA HIS A 367 1.96 -6.23 -6.29
C HIS A 367 1.95 -6.67 -4.81
N ALA A 368 3.13 -6.87 -4.20
CA ALA A 368 3.23 -7.31 -2.79
C ALA A 368 2.67 -6.27 -1.83
N ALA A 369 2.92 -4.95 -2.06
CA ALA A 369 2.37 -3.85 -1.25
C ALA A 369 0.84 -3.79 -1.41
N TRP A 370 0.35 -3.96 -2.66
CA TRP A 370 -1.07 -4.04 -3.01
C TRP A 370 -1.76 -5.19 -2.22
N HIS A 371 -1.09 -6.38 -2.12
CA HIS A 371 -1.60 -7.53 -1.37
C HIS A 371 -1.94 -7.15 0.09
N GLN A 372 -1.11 -6.30 0.73
CA GLN A 372 -1.27 -5.81 2.10
CA GLN A 372 -1.36 -5.91 2.10
C GLN A 372 -2.39 -4.77 2.22
N MSE A 373 -2.48 -3.88 1.20
CA MSE A 373 -3.49 -2.79 1.17
C MSE A 373 -4.91 -3.34 1.05
O MSE A 373 -5.80 -2.88 1.76
CB MSE A 373 -3.21 -1.83 0.01
CG MSE A 373 -1.97 -1.00 0.24
SE MSE A 373 -1.63 0.25 -1.20
CE MSE A 373 -3.15 1.52 -0.91
N ILE A 374 -5.11 -4.32 0.14
CA ILE A 374 -6.43 -4.93 -0.07
C ILE A 374 -6.91 -5.68 1.20
N ARG A 375 -5.96 -6.19 2.02
CA ARG A 375 -6.19 -6.89 3.29
C ARG A 375 -6.39 -5.90 4.47
N LYS A 376 -6.40 -4.59 4.17
CA LYS A 376 -6.67 -3.51 5.13
C LYS A 376 -7.92 -2.74 4.68
N ASP A 377 -8.70 -3.33 3.73
CA ASP A 377 -9.92 -2.76 3.15
C ASP A 377 -9.67 -1.40 2.47
N LEU A 378 -8.52 -1.24 1.80
CA LEU A 378 -8.18 0.05 1.19
C LEU A 378 -8.72 0.22 -0.24
N SER A 379 -9.33 -0.81 -0.82
CA SER A 379 -9.89 -0.69 -2.17
C SER A 379 -11.41 -1.02 -2.16
N PRO A 380 -12.26 -0.21 -2.83
CA PRO A 380 -13.72 -0.52 -2.83
C PRO A 380 -14.05 -1.80 -3.64
N ILE A 381 -13.20 -2.10 -4.63
CA ILE A 381 -13.26 -3.26 -5.52
C ILE A 381 -11.85 -3.83 -5.57
N VAL A 382 -11.75 -5.17 -5.53
CA VAL A 382 -10.48 -5.88 -5.61
C VAL A 382 -10.47 -6.82 -6.83
N LEU A 383 -9.58 -6.54 -7.79
CA LEU A 383 -9.37 -7.40 -8.95
C LEU A 383 -8.30 -8.41 -8.52
N TYR A 384 -8.73 -9.62 -8.15
CA TYR A 384 -7.87 -10.68 -7.64
C TYR A 384 -7.91 -11.90 -8.57
N GLY A 385 -6.74 -12.50 -8.80
CA GLY A 385 -6.60 -13.70 -9.61
C GLY A 385 -5.92 -14.82 -8.86
N ALA A 386 -6.61 -15.95 -8.67
CA ALA A 386 -6.06 -17.10 -7.93
C ALA A 386 -6.78 -18.42 -8.20
N ALA A 387 -6.08 -19.52 -7.90
CA ALA A 387 -6.62 -20.88 -7.91
C ALA A 387 -6.37 -21.41 -6.49
N ARG A 388 -7.17 -22.37 -6.07
CA ARG A 388 -7.00 -23.07 -4.79
C ARG A 388 -7.05 -24.56 -5.07
N PHE A 389 -6.83 -25.40 -4.04
CA PHE A 389 -6.98 -26.85 -4.15
C PHE A 389 -8.37 -27.10 -4.83
N PRO A 390 -8.50 -27.98 -5.89
CA PRO A 390 -9.75 -28.04 -6.69
C PRO A 390 -10.96 -28.72 -6.03
N ILE A 391 -11.29 -28.31 -4.81
CA ILE A 391 -12.49 -28.70 -4.09
C ILE A 391 -13.16 -27.35 -3.75
N ALA A 392 -14.44 -27.17 -4.13
CA ALA A 392 -15.21 -25.93 -3.95
C ALA A 392 -15.08 -25.30 -2.57
N ASP A 393 -15.02 -26.12 -1.50
CA ASP A 393 -14.87 -25.65 -0.11
C ASP A 393 -13.72 -24.63 0.07
N TYR A 394 -12.57 -24.85 -0.59
CA TYR A 394 -11.42 -23.94 -0.51
C TYR A 394 -11.76 -22.55 -1.02
N TYR A 395 -12.10 -22.44 -2.31
CA TYR A 395 -12.42 -21.14 -2.92
C TYR A 395 -13.60 -20.45 -2.25
N LEU A 396 -14.67 -21.20 -1.94
CA LEU A 396 -15.87 -20.67 -1.29
C LEU A 396 -15.61 -20.11 0.11
N THR A 397 -14.88 -20.84 0.96
CA THR A 397 -14.59 -20.40 2.33
C THR A 397 -13.72 -19.18 2.34
N GLN A 398 -12.58 -19.25 1.66
CA GLN A 398 -11.57 -18.21 1.64
C GLN A 398 -12.04 -16.89 1.03
N PHE A 399 -12.81 -16.96 -0.05
CA PHE A 399 -13.28 -15.78 -0.74
C PHE A 399 -14.67 -15.30 -0.38
N TYR A 400 -15.59 -16.18 0.08
CA TYR A 400 -16.99 -15.76 0.24
C TYR A 400 -17.66 -16.07 1.58
N HIS A 401 -17.01 -16.84 2.47
CA HIS A 401 -17.61 -17.08 3.80
C HIS A 401 -17.36 -15.83 4.64
N SER A 402 -18.38 -15.41 5.41
CA SER A 402 -18.33 -14.20 6.24
C SER A 402 -17.17 -14.17 7.25
N ALA A 403 -16.73 -15.34 7.76
CA ALA A 403 -15.61 -15.42 8.70
C ALA A 403 -14.28 -15.03 8.02
N SER A 404 -14.18 -15.19 6.68
CA SER A 404 -12.98 -14.84 5.92
C SER A 404 -12.91 -13.35 5.53
N GLU A 405 -13.95 -12.55 5.86
CA GLU A 405 -13.97 -11.15 5.46
C GLU A 405 -12.90 -10.30 6.17
N ILE A 406 -12.36 -9.34 5.41
CA ILE A 406 -11.33 -8.39 5.84
C ILE A 406 -11.82 -7.63 7.07
N GLY A 407 -10.95 -7.58 8.09
CA GLY A 407 -11.25 -6.90 9.35
C GLY A 407 -11.46 -7.85 10.51
N LYS A 408 -11.58 -9.16 10.22
CA LYS A 408 -11.77 -10.19 11.25
C LYS A 408 -10.42 -10.88 11.53
N PRO A 409 -10.15 -11.41 12.75
CA PRO A 409 -8.88 -12.13 12.96
C PRO A 409 -8.80 -13.41 12.12
N THR A 410 -9.95 -13.90 11.63
CA THR A 410 -10.10 -15.10 10.79
C THR A 410 -10.10 -14.74 9.30
N GLN A 411 -9.82 -13.45 8.96
CA GLN A 411 -9.81 -13.00 7.56
C GLN A 411 -8.92 -13.82 6.66
N VAL A 412 -9.40 -14.01 5.42
CA VAL A 412 -8.63 -14.69 4.39
C VAL A 412 -8.63 -13.71 3.20
N VAL A 413 -9.43 -14.00 2.16
CA VAL A 413 -9.49 -13.18 0.94
C VAL A 413 -10.94 -12.80 0.57
N ASN A 414 -11.82 -12.69 1.58
CA ASN A 414 -13.18 -12.24 1.33
C ASN A 414 -13.19 -10.70 1.31
N PHE A 415 -12.79 -10.15 0.16
CA PHE A 415 -12.70 -8.71 -0.08
C PHE A 415 -14.06 -8.08 -0.28
N SER A 416 -15.05 -8.87 -0.74
CA SER A 416 -16.41 -8.43 -1.00
C SER A 416 -17.26 -8.27 0.26
N HIS A 417 -16.84 -8.89 1.39
CA HIS A 417 -17.59 -8.93 2.66
C HIS A 417 -18.91 -9.72 2.45
N CYS A 418 -18.84 -10.73 1.54
CA CYS A 418 -19.91 -11.66 1.22
C CYS A 418 -20.33 -12.39 2.50
N ASN A 419 -21.66 -12.52 2.70
CA ASN A 419 -22.24 -13.18 3.87
C ASN A 419 -23.53 -13.95 3.53
N VAL A 420 -23.77 -14.26 2.24
CA VAL A 420 -25.02 -14.91 1.77
C VAL A 420 -24.98 -16.45 1.68
N ALA A 421 -23.80 -17.07 1.74
CA ALA A 421 -23.70 -18.52 1.54
C ALA A 421 -23.02 -19.29 2.69
N ASP A 422 -22.97 -18.71 3.90
CA ASP A 422 -22.33 -19.34 5.06
C ASP A 422 -22.87 -20.73 5.39
N LYS A 423 -24.22 -20.86 5.50
CA LYS A 423 -24.89 -22.10 5.84
C LYS A 423 -24.64 -23.21 4.81
N GLN A 424 -24.71 -22.88 3.51
CA GLN A 424 -24.48 -23.82 2.42
C GLN A 424 -23.01 -24.29 2.38
N ILE A 425 -22.05 -23.36 2.60
CA ILE A 425 -20.61 -23.64 2.63
C ILE A 425 -20.28 -24.62 3.78
N GLU A 426 -20.76 -24.30 5.00
CA GLU A 426 -20.55 -25.07 6.22
C GLU A 426 -21.15 -26.49 6.12
N ALA A 427 -22.37 -26.59 5.56
CA ALA A 427 -23.07 -27.87 5.39
C ALA A 427 -22.39 -28.77 4.36
N ALA A 428 -21.93 -28.20 3.24
CA ALA A 428 -21.24 -28.96 2.18
C ALA A 428 -19.92 -29.57 2.66
N ARG A 429 -19.22 -28.84 3.56
CA ARG A 429 -17.93 -29.19 4.14
C ARG A 429 -17.90 -30.58 4.82
N THR A 430 -18.98 -30.94 5.54
CA THR A 430 -19.08 -32.20 6.26
C THR A 430 -20.06 -33.22 5.59
N GLU A 431 -20.72 -32.82 4.47
CA GLU A 431 -21.66 -33.66 3.69
C GLU A 431 -20.90 -34.80 3.02
N THR A 432 -21.35 -36.02 3.30
CA THR A 432 -20.76 -37.31 2.90
C THR A 432 -20.91 -37.71 1.41
N ASP A 433 -22.15 -37.82 0.89
CA ASP A 433 -22.42 -38.22 -0.50
C ASP A 433 -21.91 -37.18 -1.52
N PRO A 434 -21.17 -37.61 -2.59
CA PRO A 434 -20.63 -36.61 -3.55
C PRO A 434 -21.66 -35.70 -4.21
N ASN A 435 -22.87 -36.24 -4.54
CA ASN A 435 -23.95 -35.52 -5.22
C ASN A 435 -24.64 -34.43 -4.36
N LYS A 436 -25.06 -34.73 -3.12
CA LYS A 436 -25.73 -33.70 -2.29
C LYS A 436 -24.74 -32.65 -1.70
N GLN A 437 -23.44 -32.98 -1.69
CA GLN A 437 -22.35 -32.12 -1.27
C GLN A 437 -22.18 -31.10 -2.41
N ILE A 438 -22.15 -31.61 -3.66
CA ILE A 438 -22.04 -30.85 -4.90
C ILE A 438 -23.26 -29.92 -5.03
N GLU A 439 -24.48 -30.38 -4.61
CA GLU A 439 -25.68 -29.55 -4.68
C GLU A 439 -25.63 -28.35 -3.71
N LEU A 440 -25.06 -28.54 -2.49
CA LEU A 440 -24.89 -27.47 -1.51
C LEU A 440 -23.85 -26.45 -2.00
N TRP A 441 -22.80 -26.93 -2.70
CA TRP A 441 -21.77 -26.08 -3.29
C TRP A 441 -22.34 -25.23 -4.42
N LYS A 442 -23.24 -25.83 -5.25
CA LYS A 442 -23.92 -25.15 -6.36
C LYS A 442 -24.90 -24.11 -5.82
N GLU A 443 -25.59 -24.43 -4.70
CA GLU A 443 -26.51 -23.52 -4.01
C GLU A 443 -25.72 -22.28 -3.55
N ALA A 444 -24.52 -22.50 -2.95
CA ALA A 444 -23.63 -21.44 -2.47
C ALA A 444 -23.23 -20.53 -3.65
N GLN A 445 -22.82 -21.12 -4.79
CA GLN A 445 -22.43 -20.38 -6.00
C GLN A 445 -23.55 -19.50 -6.56
N LYS A 446 -24.80 -20.03 -6.63
CA LYS A 446 -25.96 -19.27 -7.12
C LYS A 446 -26.26 -18.06 -6.23
N LEU A 447 -26.16 -18.24 -4.89
CA LEU A 447 -26.36 -17.17 -3.92
C LEU A 447 -25.28 -16.06 -4.02
N ILE A 448 -23.99 -16.45 -4.18
CA ILE A 448 -22.88 -15.51 -4.31
C ILE A 448 -23.02 -14.70 -5.62
N VAL A 449 -23.38 -15.39 -6.73
CA VAL A 449 -23.58 -14.76 -8.03
C VAL A 449 -24.76 -13.75 -8.02
N SER A 450 -25.95 -14.18 -7.53
CA SER A 450 -27.14 -13.34 -7.51
C SER A 450 -27.01 -12.12 -6.56
N ASN A 451 -26.18 -12.25 -5.51
CA ASN A 451 -25.93 -11.12 -4.62
C ASN A 451 -24.90 -10.14 -5.23
N VAL A 452 -24.22 -10.58 -6.30
CA VAL A 452 -23.22 -9.82 -7.05
C VAL A 452 -22.08 -9.33 -6.11
N CYS A 453 -21.64 -10.24 -5.24
CA CYS A 453 -20.51 -10.08 -4.31
C CYS A 453 -19.23 -9.96 -5.16
N ALA A 454 -19.13 -10.82 -6.19
CA ALA A 454 -17.98 -10.88 -7.07
C ALA A 454 -18.39 -11.13 -8.50
N ILE A 455 -17.71 -10.49 -9.45
CA ILE A 455 -18.01 -10.62 -10.87
C ILE A 455 -16.90 -11.45 -11.50
N PRO A 456 -17.23 -12.67 -12.01
CA PRO A 456 -16.19 -13.49 -12.64
C PRO A 456 -15.75 -12.94 -13.99
N LEU A 457 -14.47 -13.06 -14.26
CA LEU A 457 -13.93 -12.63 -15.53
C LEU A 457 -13.42 -13.90 -16.21
N THR A 458 -12.13 -13.97 -16.47
CA THR A 458 -11.53 -15.12 -17.12
C THR A 458 -10.64 -15.83 -16.13
N GLU A 459 -10.34 -17.09 -16.42
CA GLU A 459 -9.36 -17.87 -15.68
C GLU A 459 -8.20 -18.11 -16.67
N ASN A 460 -6.98 -18.06 -16.17
CA ASN A 460 -5.81 -18.25 -17.04
C ASN A 460 -4.88 -19.31 -16.55
N LEU A 461 -4.45 -20.17 -17.48
CA LEU A 461 -3.42 -21.16 -17.20
C LEU A 461 -2.10 -20.38 -17.05
N GLY A 462 -1.16 -20.94 -16.29
CA GLY A 462 0.16 -20.33 -16.13
C GLY A 462 0.92 -20.43 -17.45
N THR A 463 1.64 -19.36 -17.83
CA THR A 463 2.41 -19.36 -19.10
C THR A 463 3.87 -19.08 -18.82
N TRP A 464 4.72 -19.98 -19.32
CA TRP A 464 6.17 -19.98 -19.14
C TRP A 464 6.87 -20.46 -20.39
N ALA A 465 8.09 -20.02 -20.59
CA ALA A 465 8.89 -20.48 -21.71
C ALA A 465 10.21 -20.99 -21.17
N ARG A 466 10.74 -22.04 -21.81
CA ARG A 466 12.04 -22.60 -21.47
C ARG A 466 12.84 -22.76 -22.74
N LYS A 467 14.17 -22.75 -22.60
CA LYS A 467 15.05 -23.05 -23.73
C LYS A 467 15.01 -24.57 -23.92
N ASN A 468 15.17 -25.05 -25.17
CA ASN A 468 15.17 -26.49 -25.51
C ASN A 468 16.13 -27.31 -24.67
N LYS A 469 17.33 -26.76 -24.40
CA LYS A 469 18.40 -27.39 -23.61
C LYS A 469 17.96 -27.80 -22.19
N LEU A 470 16.96 -27.11 -21.60
CA LEU A 470 16.48 -27.45 -20.27
C LEU A 470 15.38 -28.49 -20.25
N GLY A 471 15.58 -29.51 -19.42
CA GLY A 471 14.59 -30.55 -19.20
C GLY A 471 14.10 -30.47 -17.77
N TRP A 472 12.76 -30.47 -17.57
CA TRP A 472 12.19 -30.41 -16.22
C TRP A 472 12.54 -31.70 -15.41
N GLY A 473 12.79 -32.80 -16.11
CA GLY A 473 13.10 -34.11 -15.54
C GLY A 473 11.84 -34.95 -15.40
N PHE A 474 10.72 -34.41 -15.92
CA PHE A 474 9.37 -35.00 -15.89
C PHE A 474 8.53 -34.16 -16.85
N GLU A 475 7.33 -34.60 -17.18
CA GLU A 475 6.46 -33.80 -18.04
C GLU A 475 5.69 -32.79 -17.18
N LEU A 476 5.76 -31.52 -17.57
CA LEU A 476 5.09 -30.47 -16.85
C LEU A 476 3.67 -30.18 -17.39
N LYS A 477 2.66 -30.60 -16.62
CA LYS A 477 1.27 -30.37 -16.97
C LYS A 477 0.67 -29.34 -16.02
N GLY A 478 1.08 -29.42 -14.77
CA GLY A 478 0.58 -28.54 -13.74
C GLY A 478 1.46 -28.48 -12.52
N SER A 479 1.25 -27.44 -11.72
CA SER A 479 1.96 -27.17 -10.47
C SER A 479 1.04 -26.26 -9.73
N MSE A 480 0.69 -26.60 -8.47
CA MSE A 480 -0.25 -25.84 -7.67
C MSE A 480 -0.04 -24.29 -7.71
O MSE A 480 -1.06 -23.62 -7.88
CB MSE A 480 -0.32 -26.36 -6.23
CG MSE A 480 -1.34 -27.51 -6.06
SE MSE A 480 -3.12 -27.28 -6.91
CE MSE A 480 -3.70 -25.50 -6.13
N PRO A 481 1.18 -23.70 -7.71
CA PRO A 481 1.29 -22.23 -7.87
C PRO A 481 1.09 -21.68 -9.31
N SER A 482 0.87 -22.58 -10.33
CA SER A 482 0.74 -22.28 -11.78
C SER A 482 2.07 -21.77 -12.36
N ALA A 483 3.16 -22.19 -11.72
CA ALA A 483 4.54 -21.83 -12.02
C ALA A 483 5.38 -23.12 -12.08
N PRO A 484 6.45 -23.20 -12.90
CA PRO A 484 7.23 -24.46 -12.96
C PRO A 484 7.80 -24.95 -11.64
N LEU A 485 7.84 -26.26 -11.48
CA LEU A 485 8.44 -26.88 -10.32
C LEU A 485 9.86 -27.30 -10.72
N ILE A 486 10.85 -26.88 -9.96
CA ILE A 486 12.25 -27.26 -10.17
C ILE A 486 12.63 -28.20 -9.03
N THR A 487 13.11 -29.39 -9.41
CA THR A 487 13.47 -30.47 -8.48
C THR A 487 14.91 -30.94 -8.72
N GLU A 488 15.29 -32.05 -8.02
CA GLU A 488 16.56 -32.77 -8.16
C GLU A 488 16.71 -33.41 -9.56
N GLN A 489 15.57 -33.54 -10.29
CA GLN A 489 15.54 -34.13 -11.65
C GLN A 489 15.73 -33.09 -12.76
N THR A 490 15.53 -31.78 -12.46
CA THR A 490 15.71 -30.71 -13.44
C THR A 490 17.17 -30.70 -13.90
N TYR A 491 17.41 -30.65 -15.21
CA TYR A 491 18.76 -30.74 -15.76
C TYR A 491 18.89 -30.05 -17.12
N PHE A 492 20.13 -29.81 -17.56
CA PHE A 492 20.44 -29.29 -18.88
C PHE A 492 20.96 -30.45 -19.72
N LYS A 493 20.44 -30.57 -20.95
CA LYS A 493 20.81 -31.60 -21.92
C LYS A 493 22.22 -31.31 -22.48
N ASP A 494 22.92 -32.35 -22.98
CA ASP A 494 24.27 -32.21 -23.56
C ASP A 494 24.22 -31.53 -24.92
N ALA B 2 0.30 38.79 -24.61
CA ALA B 2 0.93 38.34 -23.37
C ALA B 2 0.61 36.88 -23.09
N LYS B 3 1.61 36.13 -22.58
CA LYS B 3 1.47 34.71 -22.22
C LYS B 3 0.64 34.63 -20.91
N THR B 4 -0.42 33.79 -20.90
CA THR B 4 -1.32 33.64 -19.74
C THR B 4 -1.50 32.18 -19.28
N GLU B 5 -0.88 31.23 -19.97
CA GLU B 5 -1.01 29.82 -19.62
C GLU B 5 0.27 29.29 -19.00
N LEU B 6 0.17 28.88 -17.74
CA LEU B 6 1.29 28.37 -16.98
C LEU B 6 1.34 26.84 -16.97
N SER B 7 2.55 26.28 -17.20
CA SER B 7 2.83 24.85 -17.11
C SER B 7 3.77 24.61 -15.94
N MSE B 8 3.36 23.71 -15.08
CA MSE B 8 4.06 23.42 -13.84
C MSE B 8 4.25 21.89 -13.69
O MSE B 8 3.29 21.15 -13.88
CB MSE B 8 3.16 23.97 -12.74
CG MSE B 8 3.78 24.09 -11.42
SE MSE B 8 2.43 24.93 -10.26
CE MSE B 8 3.30 24.30 -8.65
N GLY B 9 5.46 21.47 -13.33
CA GLY B 9 5.81 20.06 -13.13
C GLY B 9 6.15 19.77 -11.68
N VAL B 10 5.49 18.76 -11.07
CA VAL B 10 5.67 18.47 -9.63
C VAL B 10 6.14 17.02 -9.37
N ALA B 11 6.77 16.79 -8.19
CA ALA B 11 7.22 15.45 -7.77
C ALA B 11 6.02 14.69 -7.16
N SER B 12 5.11 14.23 -8.03
CA SER B 12 3.90 13.51 -7.66
C SER B 12 3.41 12.67 -8.83
N GLU B 13 2.67 11.60 -8.54
CA GLU B 13 2.11 10.69 -9.54
C GLU B 13 0.67 11.04 -9.88
N ASP B 14 -0.07 11.65 -8.93
CA ASP B 14 -1.49 11.88 -9.13
C ASP B 14 -2.10 12.73 -8.03
N VAL B 15 -3.37 13.10 -8.22
CA VAL B 15 -4.23 13.76 -7.25
C VAL B 15 -4.82 12.61 -6.43
N THR B 16 -4.81 12.72 -5.11
CA THR B 16 -5.51 11.74 -4.29
C THR B 16 -6.87 12.35 -3.93
N THR B 17 -6.83 13.53 -3.30
CA THR B 17 -8.04 14.22 -2.86
C THR B 17 -7.88 15.74 -2.89
N LEU B 18 -8.92 16.41 -3.40
CA LEU B 18 -8.96 17.87 -3.41
C LEU B 18 -10.02 18.36 -2.39
N ASP B 19 -10.42 17.47 -1.46
CA ASP B 19 -11.24 17.83 -0.31
C ASP B 19 -10.17 18.35 0.68
N PRO B 20 -10.17 19.67 1.02
CA PRO B 20 -9.14 20.20 1.92
C PRO B 20 -9.05 19.58 3.30
N HIS B 21 -10.15 18.96 3.79
CA HIS B 21 -10.17 18.27 5.09
C HIS B 21 -9.38 16.95 5.07
N PHE B 22 -9.03 16.48 3.86
CA PHE B 22 -8.25 15.25 3.66
C PHE B 22 -6.90 15.45 2.96
N ALA B 23 -6.74 16.53 2.12
CA ALA B 23 -5.50 16.78 1.36
C ALA B 23 -4.28 16.88 2.31
N THR B 24 -3.37 15.90 2.17
CA THR B 24 -2.21 15.70 3.04
C THR B 24 -0.88 15.73 2.30
N THR B 25 -0.79 15.10 1.11
CA THR B 25 0.45 15.11 0.35
C THR B 25 0.73 16.54 -0.08
N THR B 26 2.01 16.90 -0.23
CA THR B 26 2.41 18.22 -0.70
C THR B 26 1.63 18.62 -1.96
N SER B 27 1.57 17.73 -2.96
CA SER B 27 0.87 17.97 -4.22
C SER B 27 -0.62 18.28 -4.06
N ASP B 28 -1.36 17.49 -3.25
CA ASP B 28 -2.79 17.76 -3.00
C ASP B 28 -2.99 19.08 -2.26
N ARG B 29 -2.14 19.35 -1.24
CA ARG B 29 -2.16 20.60 -0.46
C ARG B 29 -1.86 21.80 -1.34
N THR B 30 -0.94 21.66 -2.32
CA THR B 30 -0.60 22.74 -3.25
C THR B 30 -1.82 23.09 -4.13
N LEU B 31 -2.45 22.09 -4.76
CA LEU B 31 -3.63 22.30 -5.59
C LEU B 31 -4.78 22.93 -4.80
N VAL B 32 -4.99 22.45 -3.56
CA VAL B 32 -6.02 22.97 -2.65
C VAL B 32 -5.76 24.48 -2.33
N SER B 33 -4.47 24.90 -2.14
CA SER B 33 -4.13 26.32 -1.89
C SER B 33 -4.45 27.24 -3.09
N TYR B 34 -4.61 26.67 -4.31
CA TYR B 34 -4.93 27.43 -5.51
C TYR B 34 -6.46 27.56 -5.71
N ILE B 35 -7.23 26.57 -5.22
CA ILE B 35 -8.68 26.44 -5.39
C ILE B 35 -9.52 27.13 -4.32
N TYR B 36 -9.08 27.02 -3.08
CA TYR B 36 -9.83 27.52 -1.95
C TYR B 36 -9.21 28.70 -1.25
N GLY B 37 -10.02 29.28 -0.38
CA GLY B 37 -9.66 30.32 0.57
C GLY B 37 -10.20 29.89 1.91
N ALA B 38 -10.09 30.77 2.92
CA ALA B 38 -10.59 30.49 4.27
C ALA B 38 -11.12 31.78 4.86
N LEU B 39 -11.52 31.78 6.16
CA LEU B 39 -11.99 33.01 6.84
C LEU B 39 -10.86 34.03 6.84
N VAL B 40 -9.66 33.54 7.19
CA VAL B 40 -8.46 34.35 7.21
C VAL B 40 -7.40 33.63 6.37
N ARG B 41 -6.26 34.28 6.10
CA ARG B 41 -5.21 33.64 5.31
C ARG B 41 -3.84 34.15 5.69
N PHE B 42 -2.82 33.36 5.38
CA PHE B 42 -1.43 33.77 5.49
C PHE B 42 -1.25 34.80 4.37
N ALA B 43 -0.36 35.80 4.54
CA ALA B 43 -0.15 36.75 3.43
C ALA B 43 0.52 35.99 2.25
N PRO B 44 0.12 36.19 0.97
CA PRO B 44 0.81 35.49 -0.14
C PRO B 44 2.33 35.71 -0.10
N GLY B 45 3.10 34.64 -0.18
CA GLY B 45 4.56 34.71 -0.08
C GLY B 45 5.10 34.54 1.32
N SER B 46 4.21 34.37 2.30
CA SER B 46 4.61 34.15 3.69
C SER B 46 4.08 32.82 4.25
N ALA B 47 4.90 32.11 5.04
CA ALA B 47 4.51 30.93 5.80
C ALA B 47 4.49 31.32 7.32
N ASN B 48 4.59 32.63 7.62
CA ASN B 48 4.58 33.11 8.99
C ASN B 48 3.14 33.40 9.48
N PRO B 49 2.67 32.74 10.57
CA PRO B 49 1.33 33.04 11.11
C PRO B 49 1.14 34.50 11.53
N SER B 50 2.24 35.25 11.76
CA SER B 50 2.20 36.67 12.09
C SER B 50 1.75 37.52 10.89
N SER B 51 1.68 36.91 9.69
CA SER B 51 1.23 37.60 8.47
C SER B 51 -0.29 37.42 8.24
N ILE B 52 -0.99 36.63 9.09
CA ILE B 52 -2.41 36.29 8.91
C ILE B 52 -3.30 37.56 8.77
N GLU B 53 -4.07 37.60 7.69
CA GLU B 53 -4.93 38.72 7.30
C GLU B 53 -6.31 38.22 6.82
N ALA B 54 -7.23 39.17 6.59
CA ALA B 54 -8.58 38.96 6.07
C ALA B 54 -8.59 38.18 4.75
N ASP B 55 -9.53 37.26 4.62
CA ASP B 55 -9.76 36.50 3.40
C ASP B 55 -11.28 36.56 3.17
N LEU B 56 -12.06 35.49 3.47
CA LEU B 56 -13.53 35.55 3.36
C LEU B 56 -14.10 36.50 4.44
N ALA B 57 -13.53 36.45 5.67
CA ALA B 57 -13.93 37.33 6.76
C ALA B 57 -13.43 38.75 6.48
N GLU B 58 -14.36 39.72 6.40
CA GLU B 58 -14.05 41.13 6.21
C GLU B 58 -13.56 41.74 7.53
N SER B 59 -13.99 41.15 8.68
CA SER B 59 -13.61 41.51 10.04
C SER B 59 -13.99 40.43 11.06
N TRP B 60 -13.37 40.48 12.23
CA TRP B 60 -13.64 39.57 13.34
C TRP B 60 -13.43 40.26 14.68
N GLU B 61 -13.90 39.62 15.73
CA GLU B 61 -13.78 40.11 17.09
C GLU B 61 -13.83 38.92 18.02
N SER B 62 -13.28 39.09 19.22
CA SER B 62 -13.32 38.11 20.28
C SER B 62 -13.99 38.79 21.49
N ASN B 63 -14.75 38.01 22.25
CA ASN B 63 -15.44 38.47 23.46
C ASN B 63 -15.54 37.29 24.45
N ALA B 64 -16.07 37.55 25.67
CA ALA B 64 -16.26 36.57 26.75
C ALA B 64 -14.98 35.78 27.09
N ASP B 65 -13.92 36.53 27.51
CA ASP B 65 -12.58 36.02 27.86
C ASP B 65 -11.90 35.30 26.68
N GLN B 66 -12.11 35.82 25.45
CA GLN B 66 -11.60 35.31 24.17
C GLN B 66 -12.02 33.83 23.87
N LEU B 67 -13.21 33.41 24.36
CA LEU B 67 -13.78 32.06 24.15
C LEU B 67 -14.81 32.10 23.03
N VAL B 68 -15.33 33.30 22.72
CA VAL B 68 -16.32 33.49 21.69
C VAL B 68 -15.75 34.43 20.63
N TRP B 69 -15.62 33.92 19.40
CA TRP B 69 -15.11 34.69 18.26
C TRP B 69 -16.22 34.86 17.24
N THR B 70 -16.38 36.08 16.72
CA THR B 70 -17.39 36.37 15.72
C THR B 70 -16.72 36.85 14.44
N PHE B 71 -17.07 36.23 13.30
CA PHE B 71 -16.53 36.54 11.98
C PHE B 71 -17.61 37.11 11.06
N LYS B 72 -17.34 38.30 10.49
CA LYS B 72 -18.23 38.99 9.56
C LYS B 72 -17.72 38.69 8.16
N LEU B 73 -18.55 38.07 7.32
CA LEU B 73 -18.14 37.67 5.98
C LEU B 73 -18.29 38.77 4.95
N ARG B 74 -17.33 38.87 4.01
CA ARG B 74 -17.37 39.82 2.90
C ARG B 74 -18.60 39.45 2.04
N PRO B 75 -19.51 40.40 1.71
CA PRO B 75 -20.68 40.02 0.91
C PRO B 75 -20.38 39.77 -0.59
N ASP B 76 -19.21 40.22 -1.10
CA ASP B 76 -18.84 40.10 -2.51
C ASP B 76 -18.25 38.72 -2.96
N VAL B 77 -17.94 37.81 -2.00
CA VAL B 77 -17.31 36.51 -2.27
C VAL B 77 -18.31 35.48 -2.78
N LYS B 78 -18.08 35.00 -4.01
CA LYS B 78 -18.89 34.00 -4.69
C LYS B 78 -18.15 32.68 -4.91
N TRP B 79 -18.90 31.58 -4.85
CA TRP B 79 -18.40 30.24 -5.11
C TRP B 79 -18.18 30.06 -6.60
N GLN B 80 -17.27 29.17 -6.97
CA GLN B 80 -17.04 28.75 -8.35
C GLN B 80 -18.23 27.81 -8.69
N GLY B 81 -18.39 27.47 -9.97
CA GLY B 81 -19.39 26.53 -10.46
C GLY B 81 -20.85 26.82 -10.18
N GLY B 82 -21.21 28.10 -10.11
CA GLY B 82 -22.57 28.58 -9.92
C GLY B 82 -23.22 28.32 -8.57
N TYR B 83 -22.42 28.10 -7.51
CA TYR B 83 -23.00 27.85 -6.19
C TYR B 83 -23.36 29.14 -5.41
N GLY B 84 -23.25 30.30 -6.08
CA GLY B 84 -23.63 31.60 -5.56
C GLY B 84 -22.78 32.17 -4.44
N ASN B 85 -23.39 33.03 -3.63
CA ASN B 85 -22.73 33.71 -2.51
C ASN B 85 -22.22 32.75 -1.43
N VAL B 86 -21.04 33.04 -0.87
CA VAL B 86 -20.47 32.25 0.23
C VAL B 86 -21.20 32.75 1.50
N THR B 87 -21.87 31.82 2.20
CA THR B 87 -22.67 32.16 3.38
C THR B 87 -22.08 31.63 4.70
N ALA B 88 -22.67 32.07 5.82
CA ALA B 88 -22.31 31.62 7.16
C ALA B 88 -22.60 30.12 7.32
N ASP B 89 -23.70 29.63 6.66
CA ASP B 89 -24.09 28.21 6.63
C ASP B 89 -22.98 27.34 6.03
N ASP B 90 -22.26 27.85 5.01
CA ASP B 90 -21.13 27.16 4.38
C ASP B 90 -19.96 27.06 5.35
N VAL B 91 -19.71 28.12 6.14
CA VAL B 91 -18.64 28.19 7.13
C VAL B 91 -18.92 27.19 8.26
N VAL B 92 -20.18 27.20 8.79
CA VAL B 92 -20.65 26.27 9.83
C VAL B 92 -20.43 24.83 9.35
N PHE B 93 -20.95 24.51 8.14
CA PHE B 93 -20.78 23.19 7.53
C PHE B 93 -19.31 22.80 7.40
N SER B 94 -18.45 23.70 6.86
CA SER B 94 -17.03 23.41 6.66
C SER B 94 -16.27 23.14 7.96
N LEU B 95 -16.45 24.02 8.98
CA LEU B 95 -15.77 23.90 10.27
C LEU B 95 -16.28 22.72 11.09
N ASP B 96 -17.59 22.40 10.98
CA ASP B 96 -18.16 21.22 11.65
C ASP B 96 -17.62 19.95 11.01
N LYS B 97 -17.38 19.98 9.69
CA LYS B 97 -16.81 18.85 8.95
C LYS B 97 -15.32 18.70 9.34
N ALA B 98 -14.57 19.83 9.33
CA ALA B 98 -13.14 19.91 9.69
C ALA B 98 -12.86 19.34 11.09
N ARG B 99 -13.75 19.63 12.06
CA ARG B 99 -13.60 19.18 13.46
C ARG B 99 -14.18 17.77 13.73
N ASP B 100 -14.77 17.14 12.70
CA ASP B 100 -15.34 15.80 12.78
C ASP B 100 -14.27 14.74 12.37
N PRO B 101 -13.87 13.83 13.31
CA PRO B 101 -12.88 12.78 12.95
C PRO B 101 -13.31 11.80 11.86
N LYS B 102 -14.63 11.67 11.61
CA LYS B 102 -15.20 10.79 10.59
C LYS B 102 -15.21 11.44 9.19
N ARG B 103 -15.07 12.78 9.12
CA ARG B 103 -15.15 13.53 7.86
C ARG B 103 -13.92 14.44 7.61
N SER B 104 -12.82 14.21 8.35
CA SER B 104 -11.61 15.01 8.28
C SER B 104 -10.39 14.27 8.79
N ALA B 105 -9.24 14.57 8.19
CA ALA B 105 -7.94 14.04 8.61
C ALA B 105 -7.32 14.97 9.68
N PHE B 106 -7.93 16.15 9.93
CA PHE B 106 -7.36 17.17 10.82
C PHE B 106 -8.25 17.61 11.99
N SER B 107 -9.18 16.73 12.43
CA SER B 107 -10.12 17.05 13.52
C SER B 107 -9.49 17.42 14.87
N GLY B 108 -8.36 16.79 15.20
CA GLY B 108 -7.60 17.02 16.42
C GLY B 108 -7.20 18.48 16.64
N ASP B 109 -6.89 19.20 15.56
CA ASP B 109 -6.53 20.63 15.56
C ASP B 109 -7.68 21.50 16.09
N TYR B 110 -8.92 21.05 15.88
CA TYR B 110 -10.18 21.75 16.21
C TYR B 110 -10.88 21.23 17.46
N ALA B 111 -10.19 20.40 18.28
CA ALA B 111 -10.73 19.82 19.52
C ALA B 111 -11.25 20.86 20.53
N ALA B 112 -10.65 22.08 20.58
CA ALA B 112 -11.12 23.11 21.49
C ALA B 112 -12.43 23.81 21.06
N ILE B 113 -12.91 23.57 19.81
CA ILE B 113 -14.18 24.14 19.34
C ILE B 113 -15.36 23.41 19.99
N GLN B 114 -16.26 24.17 20.63
CA GLN B 114 -17.47 23.65 21.26
C GLN B 114 -18.60 23.68 20.22
N LYS B 115 -18.78 24.82 19.51
CA LYS B 115 -19.80 24.99 18.46
C LYS B 115 -19.48 26.13 17.49
N VAL B 116 -20.08 26.04 16.29
CA VAL B 116 -19.97 26.98 15.18
C VAL B 116 -21.42 27.31 14.79
N GLU B 117 -21.80 28.59 14.87
CA GLU B 117 -23.16 29.02 14.58
C GLU B 117 -23.25 30.10 13.52
N ALA B 118 -24.30 30.03 12.70
CA ALA B 118 -24.60 31.05 11.71
C ALA B 118 -25.63 32.00 12.38
N VAL B 119 -25.15 33.16 12.88
CA VAL B 119 -26.00 34.17 13.58
C VAL B 119 -27.01 34.73 12.56
N ASP B 120 -26.51 35.01 11.36
CA ASP B 120 -27.23 35.49 10.18
C ASP B 120 -26.37 35.07 8.98
N ALA B 121 -26.84 35.30 7.75
CA ALA B 121 -26.17 34.90 6.50
C ALA B 121 -24.71 35.37 6.34
N LYS B 122 -24.34 36.49 7.02
CA LYS B 122 -23.02 37.10 6.95
C LYS B 122 -22.24 37.03 8.27
N THR B 123 -22.78 36.33 9.29
CA THR B 123 -22.14 36.31 10.62
C THR B 123 -21.98 34.90 11.18
N VAL B 124 -20.73 34.55 11.52
CA VAL B 124 -20.33 33.26 12.09
C VAL B 124 -19.81 33.44 13.50
N ARG B 125 -20.39 32.69 14.45
CA ARG B 125 -19.93 32.73 15.83
C ARG B 125 -19.28 31.38 16.18
N ILE B 126 -18.03 31.40 16.65
CA ILE B 126 -17.28 30.19 17.05
C ILE B 126 -17.10 30.23 18.56
N THR B 127 -17.60 29.20 19.26
CA THR B 127 -17.49 29.08 20.71
C THR B 127 -16.43 28.04 21.04
N LEU B 128 -15.49 28.41 21.92
CA LEU B 128 -14.37 27.59 22.37
C LEU B 128 -14.56 27.16 23.82
N THR B 129 -14.04 25.96 24.17
CA THR B 129 -14.09 25.43 25.54
C THR B 129 -13.05 26.14 26.40
N ARG B 130 -11.91 26.52 25.78
CA ARG B 130 -10.79 27.23 26.38
C ARG B 130 -10.13 28.12 25.30
N ARG B 131 -9.38 29.18 25.73
CA ARG B 131 -8.69 30.12 24.85
C ARG B 131 -7.72 29.41 23.88
N VAL B 132 -7.72 29.85 22.61
CA VAL B 132 -6.82 29.33 21.57
C VAL B 132 -6.05 30.54 20.98
N PRO B 133 -4.76 30.74 21.36
CA PRO B 133 -4.02 31.89 20.80
C PRO B 133 -3.76 31.76 19.29
N SER B 134 -3.63 30.51 18.81
CA SER B 134 -3.43 30.20 17.40
C SER B 134 -4.76 30.01 16.64
N LEU B 135 -5.91 30.47 17.21
CA LEU B 135 -7.20 30.28 16.52
C LEU B 135 -7.21 30.75 15.05
N LEU B 136 -6.67 31.95 14.76
CA LEU B 136 -6.63 32.49 13.40
C LEU B 136 -5.83 31.58 12.44
N ALA B 137 -4.79 30.87 12.94
CA ALA B 137 -4.01 29.91 12.15
C ALA B 137 -4.86 28.68 11.81
N LEU B 138 -5.70 28.21 12.77
CA LEU B 138 -6.63 27.09 12.57
C LEU B 138 -7.69 27.46 11.54
N LEU B 139 -8.02 28.75 11.45
CA LEU B 139 -9.03 29.22 10.50
C LEU B 139 -8.43 29.81 9.22
N SER B 140 -7.13 29.57 8.99
CA SER B 140 -6.39 30.08 7.83
C SER B 140 -6.37 29.10 6.65
N ASN B 141 -5.74 29.53 5.55
CA ASN B 141 -5.68 28.74 4.32
C ASN B 141 -4.61 27.60 4.36
N PHE B 142 -4.79 26.64 5.26
CA PHE B 142 -3.96 25.45 5.41
C PHE B 142 -4.77 24.40 6.13
N SER B 143 -4.56 23.12 5.77
CA SER B 143 -5.24 21.97 6.38
C SER B 143 -6.78 22.14 6.45
N GLY B 144 -7.35 22.05 7.66
CA GLY B 144 -8.80 22.13 7.86
C GLY B 144 -9.46 23.50 7.85
N GLY B 145 -8.69 24.57 7.65
CA GLY B 145 -9.22 25.93 7.65
C GLY B 145 -9.97 26.35 6.39
N PHE B 146 -9.66 25.70 5.25
CA PHE B 146 -10.29 26.00 3.96
C PHE B 146 -11.83 25.81 3.99
N ILE B 147 -12.56 26.78 3.43
CA ILE B 147 -14.02 26.75 3.38
C ILE B 147 -14.52 26.13 2.07
N ILE B 148 -15.49 25.21 2.19
CA ILE B 148 -16.14 24.48 1.09
C ILE B 148 -17.67 24.74 1.09
N PRO B 149 -18.38 24.59 -0.07
CA PRO B 149 -19.83 24.87 -0.07
C PRO B 149 -20.62 23.66 0.41
N LYS B 150 -21.54 23.88 1.37
CA LYS B 150 -22.44 22.87 1.93
C LYS B 150 -23.21 22.17 0.79
N LYS B 151 -23.87 22.96 -0.10
CA LYS B 151 -24.66 22.45 -1.23
C LYS B 151 -23.81 21.67 -2.24
N ALA B 152 -22.59 22.16 -2.56
CA ALA B 152 -21.70 21.46 -3.48
C ALA B 152 -21.23 20.11 -2.89
N PHE B 153 -20.85 20.07 -1.59
CA PHE B 153 -20.46 18.81 -0.95
C PHE B 153 -21.64 17.83 -0.83
N LYS B 154 -22.85 18.33 -0.53
CA LYS B 154 -24.07 17.51 -0.44
C LYS B 154 -24.39 16.85 -1.79
N GLU B 155 -24.34 17.63 -2.88
CA GLU B 155 -24.61 17.17 -4.25
C GLU B 155 -23.57 16.18 -4.78
N ARG B 156 -22.28 16.54 -4.68
CA ARG B 156 -21.18 15.78 -5.26
C ARG B 156 -20.68 14.59 -4.40
N GLY B 157 -20.81 14.70 -3.07
CA GLY B 157 -20.39 13.68 -2.12
C GLY B 157 -19.01 13.10 -2.35
N ASP B 158 -18.95 11.81 -2.75
CA ASP B 158 -17.71 11.07 -3.04
C ASP B 158 -16.96 11.63 -4.25
N ASP B 159 -17.66 12.36 -5.15
CA ASP B 159 -17.08 12.98 -6.34
C ASP B 159 -16.45 14.35 -6.04
N PHE B 160 -16.81 14.99 -4.91
CA PHE B 160 -16.29 16.30 -4.51
C PHE B 160 -14.75 16.36 -4.50
N LYS B 161 -14.09 15.31 -3.99
CA LYS B 161 -12.61 15.25 -3.93
C LYS B 161 -11.96 15.27 -5.34
N ARG B 162 -12.75 15.00 -6.41
CA ARG B 162 -12.34 15.00 -7.82
C ARG B 162 -12.93 16.19 -8.59
N ARG B 163 -14.00 16.78 -8.04
CA ARG B 163 -14.70 17.90 -8.66
C ARG B 163 -14.83 19.02 -7.60
N PRO B 164 -13.69 19.59 -7.12
CA PRO B 164 -13.76 20.56 -6.02
C PRO B 164 -14.39 21.90 -6.37
N VAL B 165 -14.99 22.55 -5.38
CA VAL B 165 -15.60 23.88 -5.51
C VAL B 165 -15.07 24.75 -4.39
N GLY B 166 -14.32 25.79 -4.77
CA GLY B 166 -13.77 26.77 -3.84
C GLY B 166 -14.15 28.19 -4.21
N PHE B 167 -13.63 29.16 -3.48
CA PHE B 167 -13.83 30.58 -3.83
C PHE B 167 -12.46 31.24 -4.13
N GLY B 168 -11.43 30.40 -4.26
CA GLY B 168 -10.06 30.77 -4.58
C GLY B 168 -9.88 31.28 -6.00
N PRO B 169 -8.66 31.80 -6.34
CA PRO B 169 -8.46 32.39 -7.68
C PRO B 169 -8.46 31.43 -8.86
N PHE B 170 -8.35 30.11 -8.60
CA PHE B 170 -8.35 29.12 -9.66
C PHE B 170 -9.36 28.01 -9.39
N GLN B 171 -9.93 27.50 -10.47
CA GLN B 171 -10.89 26.41 -10.41
C GLN B 171 -10.39 25.23 -11.22
N VAL B 172 -10.78 24.03 -10.81
CA VAL B 172 -10.42 22.81 -11.53
C VAL B 172 -11.42 22.67 -12.69
N GLU B 173 -10.91 22.76 -13.93
CA GLU B 173 -11.71 22.56 -15.12
C GLU B 173 -11.83 21.04 -15.33
N SER B 174 -10.73 20.31 -15.19
CA SER B 174 -10.68 18.86 -15.36
C SER B 174 -9.43 18.23 -14.72
N ILE B 175 -9.55 16.95 -14.38
CA ILE B 175 -8.45 16.10 -13.90
C ILE B 175 -8.23 15.03 -14.97
N GLN B 176 -6.95 14.82 -15.34
CA GLN B 176 -6.49 13.80 -16.26
C GLN B 176 -5.75 12.83 -15.31
N PRO B 177 -6.45 11.81 -14.76
CA PRO B 177 -5.82 10.95 -13.73
C PRO B 177 -4.42 10.44 -14.07
N GLY B 178 -3.47 10.70 -13.16
CA GLY B 178 -2.06 10.34 -13.30
C GLY B 178 -1.28 11.15 -14.33
N GLN B 179 -1.86 12.23 -14.86
CA GLN B 179 -1.20 13.04 -15.90
C GLN B 179 -1.11 14.51 -15.52
N SER B 180 -2.26 15.14 -15.28
CA SER B 180 -2.30 16.55 -14.93
C SER B 180 -3.64 16.98 -14.36
N VAL B 181 -3.66 18.22 -13.83
CA VAL B 181 -4.87 18.90 -13.40
C VAL B 181 -4.89 20.17 -14.25
N THR B 182 -6.03 20.43 -14.90
CA THR B 182 -6.22 21.64 -15.69
C THR B 182 -7.02 22.62 -14.84
N LEU B 183 -6.41 23.74 -14.51
CA LEU B 183 -7.07 24.78 -13.73
C LEU B 183 -7.26 25.99 -14.60
N THR B 184 -8.37 26.67 -14.44
CA THR B 184 -8.61 27.91 -15.16
C THR B 184 -8.80 29.02 -14.13
N ALA B 185 -8.59 30.27 -14.57
CA ALA B 185 -8.79 31.44 -13.73
C ALA B 185 -10.23 31.52 -13.28
N ASN B 186 -10.45 31.87 -12.01
CA ASN B 186 -11.78 32.13 -11.50
C ASN B 186 -11.95 33.63 -11.86
N ALA B 187 -12.66 33.93 -12.97
CA ALA B 187 -12.88 35.30 -13.45
C ALA B 187 -13.63 36.17 -12.43
N GLU B 188 -14.40 35.53 -11.53
CA GLU B 188 -15.20 36.19 -10.50
C GLU B 188 -14.48 36.30 -9.15
N TYR B 189 -13.18 35.94 -9.11
CA TYR B 189 -12.40 36.02 -7.85
C TYR B 189 -12.51 37.43 -7.22
N PHE B 190 -12.93 37.51 -5.93
CA PHE B 190 -13.25 38.76 -5.24
C PHE B 190 -12.12 39.82 -5.23
N ARG B 191 -10.81 39.42 -5.20
CA ARG B 191 -9.70 40.40 -5.23
C ARG B 191 -9.38 40.90 -6.64
N GLY B 192 -9.99 40.26 -7.64
CA GLY B 192 -9.80 40.62 -9.04
C GLY B 192 -9.51 39.42 -9.90
N LYS B 193 -9.72 39.61 -11.21
CA LYS B 193 -9.51 38.58 -12.23
C LYS B 193 -8.01 38.18 -12.30
N PRO B 194 -7.67 36.87 -12.23
CA PRO B 194 -6.26 36.47 -12.35
C PRO B 194 -5.59 36.90 -13.65
N LYS B 195 -4.26 37.16 -13.58
CA LYS B 195 -3.43 37.52 -14.74
C LYS B 195 -3.18 36.28 -15.59
N LEU B 196 -3.19 35.09 -14.97
CA LEU B 196 -3.07 33.82 -15.69
C LEU B 196 -4.48 33.38 -16.06
N SER B 197 -4.65 32.80 -17.24
CA SER B 197 -5.94 32.27 -17.67
C SER B 197 -6.04 30.76 -17.38
N LYS B 198 -4.89 30.08 -17.30
CA LYS B 198 -4.85 28.62 -17.14
C LYS B 198 -3.58 28.13 -16.45
N ILE B 199 -3.69 27.00 -15.74
CA ILE B 199 -2.60 26.28 -15.11
C ILE B 199 -2.70 24.81 -15.55
N SER B 200 -1.59 24.29 -16.09
CA SER B 200 -1.47 22.90 -16.44
C SER B 200 -0.50 22.36 -15.39
N TYR B 201 -1.06 21.71 -14.36
CA TYR B 201 -0.34 21.16 -13.21
C TYR B 201 -0.04 19.69 -13.50
N ARG B 202 1.22 19.41 -13.87
CA ARG B 202 1.64 18.09 -14.36
C ARG B 202 2.39 17.21 -13.36
N PHE B 203 1.97 15.94 -13.32
CA PHE B 203 2.52 14.87 -12.50
C PHE B 203 3.75 14.31 -13.18
N LEU B 204 4.95 14.74 -12.72
CA LEU B 204 6.24 14.36 -13.29
C LEU B 204 7.20 13.95 -12.18
N ASN B 205 6.91 12.81 -11.55
CA ASN B 205 7.66 12.27 -10.41
C ASN B 205 9.16 12.07 -10.65
N ASN B 206 9.52 11.44 -11.79
CA ASN B 206 10.91 11.21 -12.16
C ASN B 206 11.64 12.55 -12.34
N GLU B 207 12.68 12.80 -11.51
CA GLU B 207 13.47 14.04 -11.47
C GLU B 207 14.21 14.38 -12.76
N ALA B 208 14.88 13.39 -13.37
CA ALA B 208 15.61 13.59 -14.63
C ALA B 208 14.65 13.98 -15.78
N ALA B 209 13.48 13.31 -15.87
CA ALA B 209 12.45 13.62 -16.88
C ALA B 209 11.83 15.03 -16.64
N ARG B 210 11.56 15.39 -15.36
CA ARG B 210 11.01 16.71 -14.97
C ARG B 210 12.01 17.81 -15.35
N ASP B 211 13.34 17.59 -15.09
CA ASP B 211 14.42 18.51 -15.43
C ASP B 211 14.53 18.72 -16.92
N LEU B 212 14.38 17.64 -17.73
CA LEU B 212 14.41 17.72 -19.20
C LEU B 212 13.25 18.57 -19.72
N ALA B 213 12.03 18.34 -19.18
CA ALA B 213 10.81 19.08 -19.53
C ALA B 213 10.96 20.59 -19.17
N PHE B 214 11.55 20.90 -18.00
CA PHE B 214 11.80 22.29 -17.61
C PHE B 214 12.86 22.93 -18.52
N GLU B 215 13.98 22.22 -18.78
CA GLU B 215 15.05 22.72 -19.63
C GLU B 215 14.56 23.10 -21.05
N SER B 216 13.69 22.25 -21.65
CA SER B 216 13.14 22.45 -23.00
C SER B 216 12.12 23.59 -23.11
N GLY B 217 11.61 24.09 -21.99
CA GLY B 217 10.58 25.12 -21.96
C GLY B 217 9.17 24.55 -21.87
N GLU B 218 9.05 23.20 -21.78
CA GLU B 218 7.76 22.49 -21.64
C GLU B 218 7.10 22.92 -20.33
N LEU B 219 7.92 23.19 -19.29
CA LEU B 219 7.48 23.67 -17.99
C LEU B 219 8.04 25.06 -17.73
N ASP B 220 7.23 25.90 -17.10
CA ASP B 220 7.62 27.24 -16.66
C ASP B 220 8.08 27.19 -15.20
N VAL B 221 7.61 26.19 -14.47
CA VAL B 221 7.88 25.94 -13.05
C VAL B 221 8.11 24.44 -12.88
N GLU B 222 9.11 24.07 -12.09
CA GLU B 222 9.36 22.69 -11.75
C GLU B 222 9.76 22.57 -10.28
N GLN B 223 9.41 21.45 -9.66
CA GLN B 223 9.83 21.14 -8.32
C GLN B 223 11.27 20.61 -8.42
N GLY B 224 12.08 20.98 -7.43
CA GLY B 224 13.44 20.50 -7.33
C GLY B 224 13.57 19.37 -6.33
N ASN B 225 14.80 19.18 -5.84
CA ASN B 225 15.09 18.16 -4.83
C ASN B 225 15.96 18.79 -3.70
N GLN B 226 16.51 17.99 -2.79
CA GLN B 226 17.29 18.50 -1.64
C GLN B 226 18.79 18.53 -1.88
N ASP B 227 19.23 18.19 -3.09
CA ASP B 227 20.64 18.13 -3.44
C ASP B 227 21.19 19.44 -4.01
N GLN B 228 22.36 19.86 -3.50
CA GLN B 228 23.04 21.09 -3.92
C GLN B 228 23.45 21.07 -5.42
N ARG B 229 23.73 19.89 -6.00
CA ARG B 229 24.03 19.74 -7.42
C ARG B 229 22.86 20.23 -8.30
N TRP B 230 21.60 19.91 -7.90
CA TRP B 230 20.40 20.34 -8.63
C TRP B 230 20.32 21.88 -8.59
N LEU B 231 20.55 22.44 -7.40
CA LEU B 231 20.56 23.88 -7.14
C LEU B 231 21.62 24.56 -8.05
N GLN B 232 22.84 23.99 -8.10
CA GLN B 232 23.97 24.50 -8.91
C GLN B 232 23.69 24.40 -10.42
N ARG B 233 23.26 23.23 -10.90
CA ARG B 233 22.96 22.99 -12.32
C ARG B 233 21.83 23.91 -12.86
N LEU B 234 20.79 24.12 -12.06
CA LEU B 234 19.67 24.96 -12.49
C LEU B 234 19.98 26.45 -12.44
N THR B 235 20.85 26.90 -11.52
CA THR B 235 21.31 28.29 -11.44
C THR B 235 22.28 28.60 -12.63
N ALA B 236 23.01 27.58 -13.12
CA ALA B 236 23.94 27.74 -14.25
C ALA B 236 23.26 28.18 -15.57
N ASN B 237 21.95 27.89 -15.74
CA ASN B 237 21.25 28.36 -16.93
C ASN B 237 20.67 29.75 -16.61
N PRO B 238 21.07 30.82 -17.36
CA PRO B 238 20.57 32.18 -17.05
C PRO B 238 19.05 32.40 -17.18
N GLU B 239 18.34 31.52 -17.91
CA GLU B 239 16.89 31.67 -18.07
C GLU B 239 16.10 31.20 -16.81
N ASN B 240 16.80 30.65 -15.79
CA ASN B 240 16.19 30.12 -14.58
C ASN B 240 16.44 30.90 -13.30
N VAL B 241 15.47 30.86 -12.37
CA VAL B 241 15.51 31.42 -11.03
C VAL B 241 15.15 30.25 -10.08
N VAL B 242 16.02 29.98 -9.10
CA VAL B 242 15.83 28.93 -8.10
C VAL B 242 15.26 29.55 -6.82
N ASP B 243 14.21 28.93 -6.27
CA ASP B 243 13.56 29.34 -5.03
C ASP B 243 13.76 28.31 -3.94
N THR B 244 14.12 28.79 -2.77
CA THR B 244 14.28 28.02 -1.54
C THR B 244 13.24 28.58 -0.57
N ILE B 245 12.19 27.82 -0.27
CA ILE B 245 11.13 28.41 0.52
C ILE B 245 10.80 27.67 1.80
N GLU B 246 10.29 28.47 2.74
CA GLU B 246 9.84 28.07 4.06
C GLU B 246 8.43 27.47 4.03
N PRO B 247 8.03 26.68 5.06
CA PRO B 247 8.85 26.19 6.18
C PRO B 247 9.70 24.97 5.76
N ALA B 248 10.74 24.70 6.54
CA ALA B 248 11.58 23.52 6.34
C ALA B 248 10.79 22.28 6.84
N GLU B 249 10.78 21.19 6.07
CA GLU B 249 10.07 19.99 6.51
C GLU B 249 11.05 19.07 7.22
N LEU B 250 10.73 18.71 8.47
CA LEU B 250 11.58 17.79 9.25
C LEU B 250 11.29 16.32 8.91
N ASN B 251 12.38 15.58 8.62
CA ASN B 251 12.37 14.17 8.34
C ASN B 251 12.80 13.41 9.56
N LEU B 252 12.01 12.42 9.97
CA LEU B 252 12.33 11.58 11.12
C LEU B 252 12.11 10.12 10.79
N LEU B 253 12.85 9.24 11.46
CA LEU B 253 12.59 7.82 11.40
C LEU B 253 11.71 7.54 12.63
N HIS B 254 10.39 7.40 12.42
CA HIS B 254 9.44 7.08 13.50
C HIS B 254 9.45 5.56 13.67
N ILE B 255 9.91 5.09 14.84
CA ILE B 255 10.02 3.66 15.13
C ILE B 255 8.81 3.17 15.90
N ASN B 256 8.09 2.13 15.40
CA ASN B 256 6.99 1.56 16.19
C ASN B 256 7.62 0.84 17.41
N ILE B 257 7.48 1.45 18.59
CA ILE B 257 8.06 0.98 19.86
C ILE B 257 7.37 -0.29 20.42
N THR B 258 6.19 -0.68 19.87
CA THR B 258 5.46 -1.85 20.35
C THR B 258 5.82 -3.13 19.57
N LYS B 259 6.60 -3.01 18.48
CA LYS B 259 6.93 -4.16 17.65
C LYS B 259 8.35 -4.68 17.81
N PRO B 260 8.55 -6.00 18.10
CA PRO B 260 9.91 -6.57 18.16
C PRO B 260 10.64 -6.45 16.81
N PRO B 261 11.97 -6.17 16.79
CA PRO B 261 12.90 -6.07 17.93
C PRO B 261 12.97 -4.68 18.57
N PHE B 262 12.19 -3.72 18.03
CA PHE B 262 12.20 -2.32 18.46
C PHE B 262 11.38 -2.01 19.71
N ASN B 263 10.83 -3.03 20.37
CA ASN B 263 10.15 -2.86 21.66
C ASN B 263 11.20 -2.92 22.78
N ASP B 264 12.47 -3.22 22.42
CA ASP B 264 13.63 -3.18 23.30
C ASP B 264 14.32 -1.83 22.99
N ILE B 265 14.35 -0.92 23.98
CA ILE B 265 14.95 0.43 23.87
C ILE B 265 16.42 0.38 23.37
N ARG B 266 17.19 -0.68 23.73
CA ARG B 266 18.59 -0.85 23.30
C ARG B 266 18.72 -0.94 21.78
N VAL B 267 17.74 -1.59 21.10
CA VAL B 267 17.69 -1.74 19.64
C VAL B 267 17.42 -0.37 18.98
N ARG B 268 16.48 0.42 19.56
CA ARG B 268 16.14 1.77 19.09
C ARG B 268 17.35 2.70 19.28
N GLN B 269 18.03 2.61 20.45
CA GLN B 269 19.24 3.39 20.75
C GLN B 269 20.36 3.04 19.77
N ALA B 270 20.52 1.73 19.47
CA ALA B 270 21.51 1.24 18.51
C ALA B 270 21.28 1.90 17.15
N LEU B 271 20.00 1.97 16.70
CA LEU B 271 19.65 2.61 15.45
C LEU B 271 19.95 4.11 15.47
N ALA B 272 19.61 4.81 16.57
CA ALA B 272 19.87 6.25 16.74
C ALA B 272 21.34 6.59 16.71
N HIS B 273 22.19 5.68 17.23
CA HIS B 273 23.66 5.84 17.27
C HIS B 273 24.36 5.55 15.92
N THR B 274 23.65 5.01 14.90
CA THR B 274 24.30 4.70 13.62
C THR B 274 23.70 5.53 12.44
N VAL B 275 22.87 6.50 12.81
CA VAL B 275 22.31 7.48 11.89
C VAL B 275 23.24 8.72 12.03
N ASN B 276 23.62 9.34 10.90
CA ASN B 276 24.47 10.53 10.92
C ASN B 276 23.80 11.71 10.19
N ALA B 277 22.92 12.44 10.91
CA ALA B 277 22.15 13.58 10.41
C ALA B 277 23.05 14.71 9.89
N ALA B 278 24.18 15.00 10.61
CA ALA B 278 25.17 16.02 10.22
C ALA B 278 25.77 15.67 8.85
N GLN B 279 26.11 14.38 8.63
CA GLN B 279 26.64 13.88 7.36
C GLN B 279 25.60 14.02 6.23
N ILE B 280 24.31 13.78 6.52
CA ILE B 280 23.22 13.94 5.54
C ILE B 280 23.14 15.42 5.10
N ALA B 281 23.13 16.37 6.07
CA ALA B 281 23.07 17.82 5.82
C ALA B 281 24.26 18.29 4.97
N LYS B 282 25.46 17.78 5.26
CA LYS B 282 26.69 18.12 4.56
C LYS B 282 26.67 17.57 3.13
N TYR B 283 26.22 16.31 2.97
CA TYR B 283 26.11 15.64 1.68
C TYR B 283 25.08 16.37 0.79
N ARG B 284 23.93 16.73 1.35
CA ARG B 284 22.84 17.38 0.61
C ARG B 284 23.06 18.87 0.34
N GLY B 285 23.63 19.59 1.30
CA GLY B 285 23.89 21.02 1.18
C GLY B 285 23.25 21.80 2.30
N GLU B 286 24.02 22.73 2.87
CA GLU B 286 23.63 23.51 4.04
C GLU B 286 22.62 24.62 3.77
N ARG B 287 22.51 25.14 2.54
CA ARG B 287 21.53 26.17 2.20
C ARG B 287 20.08 25.64 2.37
N VAL B 288 19.83 24.42 1.91
CA VAL B 288 18.50 23.82 1.92
C VAL B 288 18.28 22.93 3.14
N ASN B 289 19.34 22.24 3.60
CA ASN B 289 19.27 21.21 4.63
C ASN B 289 20.03 21.52 5.90
N ARG B 290 19.44 21.11 7.02
CA ARG B 290 19.98 21.31 8.36
C ARG B 290 19.62 20.13 9.25
N ALA B 291 20.62 19.61 9.98
CA ALA B 291 20.44 18.57 11.01
C ALA B 291 19.66 19.28 12.15
N VAL B 292 18.69 18.60 12.76
CA VAL B 292 17.84 19.19 13.81
C VAL B 292 18.12 18.53 15.15
N PRO B 293 18.54 19.30 16.19
CA PRO B 293 18.84 18.68 17.50
C PRO B 293 17.63 18.36 18.40
N SER B 294 16.45 18.11 17.78
CA SER B 294 15.20 17.70 18.45
C SER B 294 14.24 16.95 17.50
N VAL B 295 13.06 16.56 17.99
CA VAL B 295 12.06 15.77 17.27
C VAL B 295 10.95 16.63 16.63
N ILE B 296 11.11 17.97 16.66
CA ILE B 296 10.18 18.93 16.03
C ILE B 296 11.00 19.91 15.18
N PRO B 297 10.44 20.53 14.12
CA PRO B 297 11.22 21.49 13.30
C PRO B 297 11.75 22.67 14.13
N SER B 298 12.95 23.14 13.77
CA SER B 298 13.67 24.20 14.48
C SER B 298 12.95 25.57 14.55
N ASN B 299 12.00 25.86 13.65
CA ASN B 299 11.29 27.14 13.62
C ASN B 299 10.14 27.23 14.63
N ASN B 300 9.86 26.13 15.36
CA ASN B 300 8.77 26.03 16.33
C ASN B 300 9.00 26.78 17.62
N LEU B 301 7.95 27.46 18.12
CA LEU B 301 8.01 28.06 19.44
C LEU B 301 8.01 26.85 20.39
N GLY B 302 8.96 26.83 21.33
CA GLY B 302 9.12 25.73 22.27
C GLY B 302 10.16 24.70 21.85
N PHE B 303 10.84 24.93 20.70
CA PHE B 303 11.90 24.07 20.19
C PHE B 303 13.00 23.89 21.23
N ASP B 304 13.46 22.64 21.38
CA ASP B 304 14.51 22.33 22.34
C ASP B 304 15.84 22.02 21.63
N PRO B 305 16.79 22.99 21.54
CA PRO B 305 18.09 22.69 20.91
C PRO B 305 18.97 21.73 21.73
N ASP B 306 18.57 21.46 23.00
CA ASP B 306 19.28 20.59 23.93
C ASP B 306 18.42 19.37 24.32
N ALA B 307 17.64 18.83 23.34
CA ALA B 307 16.74 17.70 23.56
C ALA B 307 17.45 16.36 23.89
N GLY B 308 18.75 16.30 23.69
CA GLY B 308 19.57 15.13 24.02
C GLY B 308 19.64 14.09 22.93
N VAL B 309 19.60 14.54 21.64
CA VAL B 309 19.67 13.66 20.45
C VAL B 309 20.90 12.75 20.57
N LEU B 310 20.72 11.44 20.33
CA LEU B 310 21.77 10.44 20.46
C LEU B 310 22.85 10.66 19.39
N ASN B 311 24.11 10.66 19.83
CA ASN B 311 25.26 10.95 18.96
C ASN B 311 25.62 9.80 18.01
N TYR B 312 26.47 10.10 17.01
CA TYR B 312 26.93 9.12 16.05
C TYR B 312 28.04 8.29 16.69
N ASP B 313 27.74 7.02 16.97
CA ASP B 313 28.66 6.09 17.62
C ASP B 313 28.27 4.66 17.18
N PRO B 314 28.66 4.24 15.94
CA PRO B 314 28.25 2.90 15.46
C PRO B 314 28.86 1.73 16.25
N ALA B 315 29.97 1.97 16.96
CA ALA B 315 30.61 0.95 17.83
C ALA B 315 29.67 0.64 19.01
N GLN B 316 29.01 1.70 19.54
CA GLN B 316 28.03 1.58 20.63
C GLN B 316 26.78 0.85 20.13
N SER B 317 26.36 1.12 18.86
CA SER B 317 25.21 0.46 18.21
C SER B 317 25.40 -1.07 18.25
N LYS B 318 26.58 -1.54 17.80
CA LYS B 318 26.91 -2.97 17.76
C LYS B 318 26.99 -3.57 19.17
N LYS B 319 27.47 -2.78 20.16
CA LYS B 319 27.52 -3.20 21.58
C LYS B 319 26.08 -3.33 22.12
N LEU B 320 25.20 -2.35 21.84
CA LEU B 320 23.79 -2.34 22.23
C LEU B 320 23.01 -3.50 21.61
N LEU B 321 23.26 -3.80 20.31
CA LEU B 321 22.61 -4.91 19.61
C LEU B 321 22.99 -6.25 20.24
N ALA B 322 24.29 -6.42 20.60
CA ALA B 322 24.84 -7.61 21.26
C ALA B 322 24.18 -7.85 22.63
N GLU B 323 23.93 -6.76 23.40
CA GLU B 323 23.27 -6.78 24.71
C GLU B 323 21.80 -7.18 24.56
N ALA B 324 21.18 -6.79 23.42
CA ALA B 324 19.78 -7.06 23.07
C ALA B 324 19.56 -8.47 22.46
N GLY B 325 20.63 -9.25 22.32
CA GLY B 325 20.60 -10.60 21.78
C GLY B 325 20.83 -10.69 20.29
N PHE B 326 21.48 -9.67 19.69
CA PHE B 326 21.76 -9.61 18.25
C PHE B 326 23.26 -9.42 17.98
N PRO B 327 24.13 -10.44 18.22
CA PRO B 327 25.57 -10.27 17.98
C PRO B 327 25.97 -10.17 16.49
N ASN B 328 25.07 -10.61 15.59
CA ASN B 328 25.29 -10.60 14.14
C ASN B 328 24.46 -9.52 13.41
N GLY B 329 23.90 -8.60 14.19
CA GLY B 329 23.09 -7.50 13.67
C GLY B 329 21.61 -7.78 13.58
N VAL B 330 20.87 -6.80 13.03
CA VAL B 330 19.41 -6.81 12.87
C VAL B 330 19.06 -6.47 11.41
N THR B 331 18.03 -7.14 10.87
CA THR B 331 17.47 -6.86 9.55
C THR B 331 16.09 -6.23 9.76
N VAL B 332 15.87 -5.08 9.11
CA VAL B 332 14.62 -4.33 9.18
C VAL B 332 14.11 -4.11 7.77
N THR B 333 12.81 -4.32 7.56
CA THR B 333 12.21 -4.08 6.25
C THR B 333 11.29 -2.87 6.36
N MSE B 334 11.66 -1.79 5.70
CA MSE B 334 10.89 -0.55 5.75
C MSE B 334 10.10 -0.31 4.47
O MSE B 334 10.67 -0.35 3.37
CB MSE B 334 11.82 0.64 6.05
CG MSE B 334 11.10 1.94 6.34
SE MSE B 334 12.31 3.40 6.96
CE MSE B 334 12.87 4.06 5.21
N VAL B 335 8.81 0.00 4.62
CA VAL B 335 7.95 0.39 3.49
C VAL B 335 8.33 1.85 3.22
N ALA B 336 8.94 2.10 2.06
CA ALA B 336 9.51 3.40 1.71
C ALA B 336 8.83 4.11 0.55
N SER B 337 8.49 5.37 0.77
CA SER B 337 7.87 6.20 -0.27
C SER B 337 8.77 6.39 -1.50
N GLN B 338 8.14 6.37 -2.69
CA GLN B 338 8.82 6.61 -3.94
C GLN B 338 8.82 8.11 -4.32
N LEU B 339 8.39 9.01 -3.39
CA LEU B 339 8.59 10.46 -3.54
C LEU B 339 10.14 10.55 -3.63
N PRO B 340 10.74 11.10 -4.73
CA PRO B 340 12.22 10.98 -4.91
C PRO B 340 13.09 11.47 -3.75
N GLY B 341 12.70 12.57 -3.08
CA GLY B 341 13.44 13.06 -1.93
C GLY B 341 13.44 12.10 -0.76
N LEU B 342 12.28 11.46 -0.48
CA LEU B 342 12.16 10.45 0.58
C LEU B 342 12.91 9.17 0.21
N GLU B 343 12.89 8.81 -1.09
CA GLU B 343 13.56 7.63 -1.61
C GLU B 343 15.09 7.76 -1.46
N SER B 344 15.66 8.90 -1.90
CA SER B 344 17.10 9.12 -1.77
C SER B 344 17.53 9.21 -0.27
N LEU B 345 16.69 9.80 0.60
CA LEU B 345 16.97 9.88 2.03
C LEU B 345 17.03 8.49 2.67
N ALA B 346 16.06 7.60 2.33
CA ALA B 346 16.03 6.22 2.81
C ALA B 346 17.28 5.47 2.34
N GLN B 347 17.74 5.76 1.10
CA GLN B 347 18.94 5.15 0.52
C GLN B 347 20.21 5.59 1.27
N LEU B 348 20.23 6.86 1.69
CA LEU B 348 21.31 7.46 2.50
C LEU B 348 21.34 6.78 3.88
N ILE B 349 20.16 6.61 4.52
CA ILE B 349 20.01 5.95 5.83
C ILE B 349 20.46 4.48 5.75
N GLN B 350 20.05 3.75 4.69
CA GLN B 350 20.41 2.35 4.46
C GLN B 350 21.95 2.14 4.48
N ALA B 351 22.71 3.00 3.79
CA ALA B 351 24.18 2.92 3.78
C ALA B 351 24.78 3.20 5.17
N GLN B 352 24.26 4.24 5.87
CA GLN B 352 24.71 4.67 7.20
C GLN B 352 24.52 3.64 8.32
N VAL B 353 23.32 3.05 8.42
CA VAL B 353 22.93 2.14 9.49
C VAL B 353 23.62 0.76 9.40
N ALA B 354 24.22 0.43 8.24
CA ALA B 354 24.99 -0.80 8.05
C ALA B 354 26.26 -0.76 8.93
N GLU B 355 26.79 0.46 9.16
CA GLU B 355 27.96 0.70 10.01
C GLU B 355 27.71 0.19 11.45
N GLY B 356 26.50 0.38 11.96
CA GLY B 356 26.10 -0.05 13.30
C GLY B 356 25.40 -1.39 13.41
N GLY B 357 25.48 -2.20 12.35
CA GLY B 357 24.89 -3.54 12.32
C GLY B 357 23.46 -3.69 11.85
N PHE B 358 22.88 -2.65 11.20
CA PHE B 358 21.52 -2.77 10.68
C PHE B 358 21.51 -3.02 9.18
N THR B 359 20.81 -4.08 8.75
CA THR B 359 20.57 -4.34 7.34
C THR B 359 19.18 -3.79 7.09
N LEU B 360 19.10 -2.62 6.47
CA LEU B 360 17.83 -1.98 6.17
C LEU B 360 17.39 -2.30 4.74
N ASN B 361 16.32 -3.08 4.63
CA ASN B 361 15.73 -3.40 3.33
C ASN B 361 14.61 -2.42 3.03
N LEU B 362 14.55 -1.96 1.80
CA LEU B 362 13.55 -0.96 1.43
C LEU B 362 12.55 -1.53 0.44
N GLN B 363 11.25 -1.46 0.80
CA GLN B 363 10.14 -1.89 -0.07
C GLN B 363 9.57 -0.61 -0.68
N PRO B 364 9.96 -0.26 -1.93
CA PRO B 364 9.46 1.00 -2.53
C PRO B 364 7.97 0.93 -2.90
N VAL B 365 7.21 1.96 -2.52
CA VAL B 365 5.77 2.10 -2.79
C VAL B 365 5.49 3.53 -3.21
N GLU B 366 4.61 3.68 -4.22
CA GLU B 366 4.12 4.98 -4.68
C GLU B 366 3.65 5.79 -3.43
N HIS B 367 4.06 7.08 -3.35
CA HIS B 367 3.88 8.03 -2.26
C HIS B 367 2.46 8.06 -1.62
N ALA B 368 1.40 8.31 -2.41
CA ALA B 368 0.03 8.37 -1.91
C ALA B 368 -0.45 7.02 -1.34
N ALA B 369 -0.11 5.89 -2.01
CA ALA B 369 -0.44 4.53 -1.53
C ALA B 369 0.32 4.25 -0.21
N TRP B 370 1.61 4.66 -0.15
CA TRP B 370 2.46 4.56 1.03
C TRP B 370 1.84 5.33 2.23
N HIS B 371 1.28 6.56 1.98
CA HIS B 371 0.60 7.36 3.00
C HIS B 371 -0.52 6.57 3.70
N GLN B 372 -1.27 5.75 2.94
CA GLN B 372 -2.35 4.93 3.49
C GLN B 372 -1.86 3.67 4.19
N MSE B 373 -0.76 3.08 3.70
CA MSE B 373 -0.16 1.87 4.30
C MSE B 373 0.42 2.16 5.68
O MSE B 373 0.21 1.37 6.61
CB MSE B 373 0.94 1.30 3.40
CG MSE B 373 0.41 0.68 2.15
SE MSE B 373 1.83 -0.04 1.03
CE MSE B 373 2.36 -1.60 2.15
N ILE B 374 1.16 3.28 5.82
CA ILE B 374 1.77 3.68 7.09
C ILE B 374 0.68 3.96 8.16
N ARG B 375 -0.53 4.42 7.71
CA ARG B 375 -1.70 4.71 8.55
C ARG B 375 -2.53 3.44 8.87
N LYS B 376 -2.03 2.26 8.43
CA LYS B 376 -2.58 0.94 8.70
C LYS B 376 -1.55 0.10 9.47
N ASP B 377 -0.50 0.76 9.99
CA ASP B 377 0.62 0.14 10.74
C ASP B 377 1.35 -0.93 9.92
N LEU B 378 1.54 -0.69 8.62
CA LEU B 378 2.17 -1.70 7.76
C LEU B 378 3.70 -1.59 7.70
N SER B 379 4.29 -0.57 8.33
CA SER B 379 5.75 -0.43 8.34
C SER B 379 6.29 -0.40 9.78
N PRO B 380 7.38 -1.16 10.11
CA PRO B 380 7.90 -1.14 11.49
C PRO B 380 8.56 0.20 11.85
N ILE B 381 9.06 0.91 10.82
CA ILE B 381 9.69 2.22 10.88
C ILE B 381 9.09 3.06 9.75
N VAL B 382 8.78 4.33 10.03
CA VAL B 382 8.22 5.26 9.06
C VAL B 382 9.15 6.46 8.88
N LEU B 383 9.72 6.61 7.68
CA LEU B 383 10.54 7.76 7.32
C LEU B 383 9.55 8.81 6.78
N TYR B 384 9.19 9.78 7.63
CA TYR B 384 8.20 10.82 7.32
C TYR B 384 8.83 12.20 7.36
N GLY B 385 8.48 13.04 6.38
CA GLY B 385 8.95 14.43 6.30
C GLY B 385 7.80 15.43 6.29
N ALA B 386 7.73 16.32 7.27
CA ALA B 386 6.66 17.32 7.36
C ALA B 386 6.97 18.51 8.26
N ALA B 387 6.25 19.61 8.02
CA ALA B 387 6.24 20.81 8.87
C ALA B 387 4.78 21.01 9.29
N ARG B 388 4.58 21.69 10.41
CA ARG B 388 3.24 22.04 10.91
C ARG B 388 3.28 23.53 11.29
N PHE B 389 2.16 24.09 11.82
CA PHE B 389 2.15 25.47 12.35
C PHE B 389 3.28 25.56 13.38
N PRO B 390 4.10 26.65 13.31
CA PRO B 390 5.31 26.71 14.15
C PRO B 390 5.13 26.92 15.67
N ILE B 391 4.25 26.15 16.29
CA ILE B 391 4.00 26.10 17.73
C ILE B 391 4.18 24.62 18.07
N ALA B 392 5.06 24.29 19.04
CA ALA B 392 5.40 22.91 19.42
C ALA B 392 4.20 21.98 19.60
N ASP B 393 3.06 22.50 20.14
CA ASP B 393 1.84 21.72 20.34
C ASP B 393 1.38 20.94 19.10
N TYR B 394 1.47 21.54 17.90
CA TYR B 394 1.05 20.90 16.64
C TYR B 394 1.86 19.66 16.31
N TYR B 395 3.19 19.79 16.20
CA TYR B 395 4.06 18.66 15.90
C TYR B 395 4.06 17.59 17.01
N LEU B 396 4.14 18.03 18.29
CA LEU B 396 4.13 17.11 19.44
C LEU B 396 2.82 16.31 19.55
N THR B 397 1.64 16.96 19.43
CA THR B 397 0.35 16.26 19.53
C THR B 397 0.16 15.24 18.40
N GLN B 398 0.29 15.69 17.14
CA GLN B 398 0.07 14.90 15.94
C GLN B 398 1.02 13.71 15.79
N PHE B 399 2.30 13.90 16.12
CA PHE B 399 3.30 12.86 15.97
C PHE B 399 3.62 12.04 17.20
N TYR B 400 3.43 12.57 18.43
CA TYR B 400 3.92 11.86 19.62
C TYR B 400 2.94 11.67 20.78
N HIS B 401 1.75 12.28 20.73
CA HIS B 401 0.75 12.05 21.79
C HIS B 401 0.10 10.69 21.51
N SER B 402 -0.11 9.89 22.57
CA SER B 402 -0.69 8.54 22.47
C SER B 402 -2.06 8.49 21.77
N ALA B 403 -2.88 9.56 21.90
CA ALA B 403 -4.20 9.61 21.25
C ALA B 403 -4.06 9.70 19.71
N SER B 404 -2.93 10.21 19.20
CA SER B 404 -2.67 10.32 17.77
C SER B 404 -2.11 9.03 17.13
N GLU B 405 -1.85 8.00 17.96
CA GLU B 405 -1.26 6.76 17.43
C GLU B 405 -2.20 5.99 16.50
N ILE B 406 -1.59 5.37 15.49
CA ILE B 406 -2.22 4.55 14.47
C ILE B 406 -3.03 3.44 15.12
N GLY B 407 -4.28 3.30 14.68
CA GLY B 407 -5.20 2.29 15.18
C GLY B 407 -6.31 2.85 16.04
N LYS B 408 -6.22 4.14 16.42
CA LYS B 408 -7.23 4.81 17.23
C LYS B 408 -8.13 5.67 16.33
N PRO B 409 -9.41 5.92 16.68
CA PRO B 409 -10.25 6.80 15.83
C PRO B 409 -9.73 8.25 15.82
N THR B 410 -8.91 8.61 16.82
CA THR B 410 -8.28 9.92 16.98
C THR B 410 -6.85 9.95 16.35
N GLN B 411 -6.47 8.89 15.62
CA GLN B 411 -5.14 8.80 14.99
C GLN B 411 -4.81 9.99 14.12
N VAL B 412 -3.54 10.39 14.15
CA VAL B 412 -3.02 11.43 13.30
C VAL B 412 -1.79 10.81 12.61
N VAL B 413 -0.57 11.17 13.03
CA VAL B 413 0.68 10.71 12.44
C VAL B 413 1.67 10.16 13.50
N ASN B 414 1.13 9.62 14.60
CA ASN B 414 1.97 9.00 15.62
C ASN B 414 2.25 7.54 15.18
N PHE B 415 3.22 7.39 14.28
CA PHE B 415 3.63 6.10 13.72
C PHE B 415 4.47 5.29 14.71
N SER B 416 5.14 5.98 15.65
CA SER B 416 5.99 5.36 16.64
C SER B 416 5.23 4.73 17.81
N HIS B 417 3.94 5.10 18.00
CA HIS B 417 3.10 4.67 19.12
C HIS B 417 3.68 5.21 20.44
N CYS B 418 4.29 6.41 20.34
CA CYS B 418 4.87 7.15 21.45
C CYS B 418 3.78 7.43 22.48
N ASN B 419 4.11 7.22 23.76
CA ASN B 419 3.19 7.41 24.87
C ASN B 419 3.90 7.96 26.12
N VAL B 420 5.12 8.52 25.98
CA VAL B 420 5.94 9.02 27.11
C VAL B 420 5.76 10.51 27.45
N ALA B 421 5.13 11.31 26.61
CA ALA B 421 5.03 12.75 26.83
C ALA B 421 3.61 13.31 26.82
N ASP B 422 2.59 12.46 27.04
CA ASP B 422 1.18 12.87 27.07
C ASP B 422 0.87 13.99 28.06
N LYS B 423 1.30 13.82 29.32
CA LYS B 423 1.07 14.79 30.40
C LYS B 423 1.70 16.14 30.13
N GLN B 424 2.96 16.15 29.65
CA GLN B 424 3.70 17.38 29.32
C GLN B 424 3.07 18.11 28.13
N ILE B 425 2.65 17.36 27.08
CA ILE B 425 1.98 17.91 25.88
C ILE B 425 0.65 18.59 26.25
N GLU B 426 -0.20 17.88 27.01
CA GLU B 426 -1.51 18.34 27.46
C GLU B 426 -1.41 19.57 28.36
N ALA B 427 -0.43 19.58 29.31
CA ALA B 427 -0.22 20.68 30.24
C ALA B 427 0.29 21.93 29.52
N ALA B 428 1.23 21.76 28.56
CA ALA B 428 1.80 22.84 27.76
C ALA B 428 0.75 23.56 26.90
N ARG B 429 -0.26 22.82 26.44
CA ARG B 429 -1.35 23.27 25.58
C ARG B 429 -2.21 24.40 26.17
N THR B 430 -2.52 24.31 27.48
CA THR B 430 -3.36 25.28 28.18
C THR B 430 -2.57 26.20 29.13
N GLU B 431 -1.23 26.05 29.19
CA GLU B 431 -0.35 26.86 30.05
C GLU B 431 -0.27 28.33 29.58
N THR B 432 -0.65 29.26 30.50
CA THR B 432 -0.72 30.71 30.29
C THR B 432 0.66 31.40 30.42
N ASP B 433 1.54 30.93 31.34
CA ASP B 433 2.91 31.48 31.51
C ASP B 433 3.73 31.00 30.30
N PRO B 434 4.24 31.95 29.45
CA PRO B 434 4.99 31.53 28.24
C PRO B 434 6.24 30.71 28.52
N ASN B 435 6.94 31.02 29.63
CA ASN B 435 8.17 30.33 30.04
C ASN B 435 7.92 28.90 30.50
N LYS B 436 6.85 28.69 31.29
CA LYS B 436 6.45 27.38 31.81
C LYS B 436 6.00 26.49 30.65
N GLN B 437 5.24 27.07 29.70
CA GLN B 437 4.73 26.44 28.49
C GLN B 437 5.87 25.92 27.59
N ILE B 438 6.91 26.76 27.38
CA ILE B 438 8.12 26.41 26.62
C ILE B 438 8.90 25.32 27.38
N GLU B 439 8.95 25.40 28.72
CA GLU B 439 9.63 24.40 29.54
C GLU B 439 8.94 23.02 29.49
N LEU B 440 7.59 23.00 29.46
CA LEU B 440 6.80 21.77 29.35
C LEU B 440 7.00 21.14 27.97
N TRP B 441 7.12 21.98 26.91
CA TRP B 441 7.37 21.54 25.54
C TRP B 441 8.76 20.93 25.41
N LYS B 442 9.78 21.53 26.09
CA LYS B 442 11.16 21.05 26.12
C LYS B 442 11.24 19.72 26.89
N GLU B 443 10.46 19.60 27.99
CA GLU B 443 10.36 18.37 28.80
C GLU B 443 9.82 17.24 27.91
N ALA B 444 8.76 17.52 27.11
CA ALA B 444 8.15 16.57 26.18
C ALA B 444 9.19 16.11 25.16
N GLN B 445 9.96 17.05 24.56
CA GLN B 445 11.01 16.74 23.58
C GLN B 445 12.10 15.83 24.13
N LYS B 446 12.60 16.11 25.37
CA LYS B 446 13.62 15.29 26.03
C LYS B 446 13.14 13.86 26.27
N LEU B 447 11.87 13.69 26.70
CA LEU B 447 11.24 12.39 26.92
C LEU B 447 11.08 11.59 25.62
N ILE B 448 10.63 12.24 24.52
CA ILE B 448 10.46 11.61 23.20
C ILE B 448 11.82 11.17 22.66
N VAL B 449 12.85 12.02 22.77
CA VAL B 449 14.21 11.72 22.33
C VAL B 449 14.84 10.55 23.11
N SER B 450 14.81 10.60 24.47
CA SER B 450 15.43 9.57 25.31
C SER B 450 14.71 8.22 25.20
N ASN B 451 13.41 8.21 24.86
CA ASN B 451 12.69 6.96 24.65
C ASN B 451 12.97 6.39 23.25
N VAL B 452 13.59 7.21 22.38
CA VAL B 452 13.98 6.88 21.01
C VAL B 452 12.75 6.39 20.20
N CYS B 453 11.64 7.12 20.35
CA CYS B 453 10.37 6.96 19.63
C CYS B 453 10.63 7.33 18.16
N ALA B 454 11.39 8.41 17.94
CA ALA B 454 11.71 8.92 16.62
C ALA B 454 13.15 9.44 16.56
N ILE B 455 13.83 9.21 15.44
CA ILE B 455 15.20 9.64 15.26
C ILE B 455 15.18 10.80 14.27
N PRO B 456 15.57 12.02 14.71
CA PRO B 456 15.58 13.17 13.79
C PRO B 456 16.70 13.07 12.77
N LEU B 457 16.41 13.51 11.56
CA LEU B 457 17.40 13.54 10.51
C LEU B 457 17.59 15.00 10.16
N THR B 458 17.32 15.37 8.92
CA THR B 458 17.46 16.76 8.49
C THR B 458 16.09 17.36 8.22
N GLU B 459 16.02 18.69 8.20
CA GLU B 459 14.84 19.42 7.78
C GLU B 459 15.22 20.11 6.47
N ASN B 460 14.29 20.16 5.53
CA ASN B 460 14.57 20.77 4.23
C ASN B 460 13.59 21.82 3.83
N LEU B 461 14.11 22.95 3.34
CA LEU B 461 13.27 24.00 2.75
C LEU B 461 12.76 23.43 1.39
N GLY B 462 11.61 23.92 0.94
CA GLY B 462 11.05 23.52 -0.35
C GLY B 462 11.92 24.12 -1.46
N THR B 463 12.18 23.36 -2.52
CA THR B 463 13.02 23.78 -3.66
C THR B 463 12.26 23.73 -4.97
N TRP B 464 12.26 24.85 -5.70
CA TRP B 464 11.54 25.06 -6.95
C TRP B 464 12.35 25.93 -7.90
N ALA B 465 12.11 25.77 -9.20
CA ALA B 465 12.74 26.60 -10.22
C ALA B 465 11.65 27.20 -11.08
N ARG B 466 11.86 28.44 -11.51
CA ARG B 466 10.93 29.13 -12.39
C ARG B 466 11.73 29.73 -13.53
N LYS B 467 11.07 29.93 -14.67
CA LYS B 467 11.69 30.64 -15.78
C LYS B 467 11.65 32.14 -15.42
N ASN B 468 12.64 32.92 -15.87
CA ASN B 468 12.74 34.38 -15.63
C ASN B 468 11.46 35.14 -15.93
N LYS B 469 10.80 34.77 -17.05
CA LYS B 469 9.55 35.38 -17.55
C LYS B 469 8.40 35.33 -16.52
N LEU B 470 8.38 34.35 -15.60
CA LEU B 470 7.32 34.26 -14.62
C LEU B 470 7.58 35.05 -13.34
N GLY B 471 6.59 35.83 -12.93
CA GLY B 471 6.61 36.59 -11.68
C GLY B 471 5.52 36.08 -10.76
N TRP B 472 5.86 35.82 -9.48
CA TRP B 472 4.87 35.36 -8.49
C TRP B 472 3.78 36.40 -8.19
N GLY B 473 4.13 37.67 -8.38
CA GLY B 473 3.25 38.82 -8.14
C GLY B 473 3.41 39.36 -6.73
N PHE B 474 4.35 38.79 -5.98
CA PHE B 474 4.67 39.12 -4.58
C PHE B 474 6.02 38.47 -4.29
N GLU B 475 6.62 38.81 -3.14
CA GLU B 475 7.89 38.21 -2.77
C GLU B 475 7.65 36.82 -2.16
N LEU B 476 8.25 35.77 -2.73
CA LEU B 476 8.06 34.43 -2.19
C LEU B 476 9.13 34.07 -1.16
N LYS B 477 8.72 34.01 0.11
CA LYS B 477 9.63 33.63 1.18
C LYS B 477 9.19 32.26 1.72
N GLY B 478 7.88 32.08 1.79
CA GLY B 478 7.29 30.87 2.32
C GLY B 478 5.86 30.64 1.91
N SER B 479 5.40 29.42 2.13
CA SER B 479 4.04 28.96 1.84
C SER B 479 3.89 27.74 2.71
N MSE B 480 2.83 27.64 3.52
CA MSE B 480 2.60 26.53 4.45
C MSE B 480 2.85 25.10 3.84
O MSE B 480 3.51 24.32 4.51
CB MSE B 480 1.24 26.66 5.14
CG MSE B 480 1.28 27.50 6.42
SE MSE B 480 2.78 27.18 7.71
CE MSE B 480 2.63 25.21 8.04
N PRO B 481 2.47 24.78 2.56
CA PRO B 481 2.82 23.45 2.01
C PRO B 481 4.29 23.29 1.54
N SER B 482 5.15 24.37 1.62
CA SER B 482 6.56 24.41 1.16
C SER B 482 6.64 24.31 -0.38
N ALA B 483 5.55 24.74 -1.04
CA ALA B 483 5.37 24.74 -2.49
C ALA B 483 4.87 26.12 -2.92
N PRO B 484 5.19 26.64 -4.14
CA PRO B 484 4.74 27.99 -4.51
C PRO B 484 3.24 28.19 -4.48
N LEU B 485 2.83 29.38 -4.08
CA LEU B 485 1.45 29.78 -4.08
C LEU B 485 1.21 30.55 -5.40
N ILE B 486 0.19 30.13 -6.15
CA ILE B 486 -0.21 30.79 -7.39
C ILE B 486 -1.57 31.44 -7.11
N THR B 487 -1.67 32.76 -7.41
CA THR B 487 -2.84 33.59 -7.12
C THR B 487 -3.21 34.42 -8.32
N GLU B 488 -4.18 35.35 -8.15
CA GLU B 488 -4.58 36.32 -9.17
C GLU B 488 -3.41 37.27 -9.58
N GLN B 489 -2.38 37.38 -8.75
CA GLN B 489 -1.22 38.25 -9.03
C GLN B 489 -0.10 37.59 -9.85
N THR B 490 -0.07 36.23 -9.89
CA THR B 490 0.93 35.49 -10.66
C THR B 490 0.77 35.86 -12.14
N TYR B 491 1.88 36.18 -12.82
CA TYR B 491 1.81 36.66 -14.20
C TYR B 491 3.10 36.37 -14.98
N PHE B 492 3.02 36.49 -16.31
CA PHE B 492 4.18 36.38 -17.19
C PHE B 492 4.54 37.79 -17.64
N LYS B 493 5.85 38.12 -17.58
CA LYS B 493 6.42 39.41 -17.98
C LYS B 493 6.39 39.54 -19.51
N ASP B 494 6.41 40.78 -20.04
CA ASP B 494 6.43 41.04 -21.49
C ASP B 494 7.78 40.70 -22.12
C1 GLC C . 8.30 -2.54 -14.36
C2 GLC C . 9.69 -2.41 -13.73
C3 GLC C . 10.47 -1.27 -14.36
C4 GLC C . 9.79 -0.74 -15.63
C5 GLC C . 8.37 -0.29 -15.32
C6 GLC C . 7.52 -0.07 -16.56
O1 GLC C . 7.50 -3.41 -13.64
O2 GLC C . 9.60 -2.24 -12.32
O3 GLC C . 11.80 -1.69 -14.66
O4 GLC C . 10.55 0.33 -16.17
O5 GLC C . 7.67 -1.26 -14.51
O6 GLC C . 6.14 0.09 -16.25
OAB N72 D . -4.01 -11.74 -16.00
CAF N72 D . -4.39 -11.99 -14.65
CAG N72 D . -3.22 -12.21 -13.68
OAC N72 D . -1.98 -12.26 -14.35
CAH N72 D . -3.58 -13.27 -12.62
OAM N72 D . -4.60 -14.18 -12.91
CAI N72 D . -2.62 -14.23 -11.91
OAD N72 D . -1.51 -14.47 -12.69
CAJ N72 D . -2.32 -13.80 -10.48
OAE N72 D . -3.15 -13.13 -9.90
CAK N72 D . -1.08 -14.30 -9.73
N N72 D . -1.54 -15.19 -8.68
CA N72 D . -1.25 -14.91 -7.30
C N72 D . -0.84 -13.49 -6.95
O N72 D . 0.41 -13.33 -6.88
CB N72 D . -2.37 -15.51 -6.44
CG N72 D . -2.40 -15.12 -4.96
CD N72 D . -2.91 -16.17 -3.97
OE1 N72 D . -2.54 -17.38 -4.02
OE2 N72 D . -3.68 -15.80 -3.07
OXT N72 D . -1.61 -12.50 -6.68
S SO4 E . 27.64 -24.08 -15.61
O1 SO4 E . 28.11 -24.30 -16.98
O2 SO4 E . 28.47 -23.06 -14.97
O3 SO4 E . 27.75 -25.32 -14.84
O4 SO4 E . 26.26 -23.60 -15.67
S SO4 F . 10.96 -41.77 20.35
O1 SO4 F . 10.67 -40.34 20.20
O2 SO4 F . 10.85 -42.44 19.07
O3 SO4 F . 9.99 -42.35 21.28
O4 SO4 F . 12.31 -41.93 20.88
S SO4 G . -20.75 -39.46 9.78
O1 SO4 G . -19.94 -38.36 9.27
O2 SO4 G . -20.92 -40.47 8.73
O3 SO4 G . -22.06 -38.95 10.18
O4 SO4 G . -20.08 -40.07 10.93
S SO4 H . 22.52 -20.29 11.75
O1 SO4 H . 22.99 -19.95 10.41
O2 SO4 H . 23.63 -20.09 12.69
O3 SO4 H . 22.11 -21.71 11.78
O4 SO4 H . 21.38 -19.45 12.14
S SO4 I . 3.00 -9.28 -25.86
O1 SO4 I . 3.26 -9.06 -27.28
O2 SO4 I . 4.21 -9.80 -25.19
O3 SO4 I . 1.90 -10.24 -25.70
O4 SO4 I . 2.63 -8.00 -25.23
S SO4 J . 7.65 -29.65 -21.38
O1 SO4 J . 8.69 -30.45 -22.01
O2 SO4 J . 6.61 -29.42 -22.36
O3 SO4 J . 7.11 -30.32 -20.19
O4 SO4 J . 8.26 -28.36 -21.00
S SO4 K . -25.97 -1.83 3.76
O1 SO4 K . -24.53 -1.96 3.58
O2 SO4 K . -26.67 -2.16 2.53
O3 SO4 K . -26.41 -2.72 4.83
O4 SO4 K . -26.29 -0.44 4.13
S SO4 L . -35.18 3.89 -4.39
O1 SO4 L . -35.48 3.19 -5.64
O2 SO4 L . -33.75 3.75 -4.06
O3 SO4 L . -35.98 3.35 -3.31
O4 SO4 L . -35.48 5.32 -4.57
S SO4 M . 0.15 -42.20 22.20
O1 SO4 M . 1.61 -42.15 22.39
O2 SO4 M . -0.29 -40.99 21.50
O3 SO4 M . -0.19 -43.38 21.41
O4 SO4 M . -0.51 -42.28 23.51
S SO4 N . -14.45 -25.93 16.78
O1 SO4 N . -14.28 -26.59 15.50
O2 SO4 N . -13.29 -25.08 17.05
O3 SO4 N . -14.58 -26.94 17.84
O4 SO4 N . -15.66 -25.11 16.75
S SO4 O . 12.98 -34.63 -19.58
O1 SO4 O . 13.83 -34.51 -20.77
O2 SO4 O . 13.05 -33.40 -18.81
O3 SO4 O . 13.42 -35.75 -18.74
O4 SO4 O . 11.58 -34.84 -19.98
S SO4 P . 13.80 -42.31 -3.19
O1 SO4 P . 14.99 -42.59 -3.97
O2 SO4 P . 12.85 -41.53 -4.00
O3 SO4 P . 13.17 -43.57 -2.77
O4 SO4 P . 14.17 -41.55 -2.00
S SO4 Q . 21.35 -35.50 -22.47
O1 SO4 Q . 21.92 -36.83 -22.67
O2 SO4 Q . 21.33 -34.79 -23.74
O3 SO4 Q . 19.98 -35.63 -21.95
O4 SO4 Q . 22.14 -34.77 -21.48
S SO4 R . 18.86 -25.94 -28.99
O1 SO4 R . 20.18 -26.48 -28.66
O2 SO4 R . 18.95 -25.06 -30.15
O3 SO4 R . 17.96 -27.05 -29.29
O4 SO4 R . 18.35 -25.18 -27.84
CL CL S . 5.50 -10.54 -6.00
C1 GLC T . 9.93 6.23 -14.59
C2 GLC T . 8.50 6.66 -14.23
C3 GLC T . 8.47 7.57 -13.02
C4 GLC T . 9.26 7.00 -11.84
C5 GLC T . 10.66 6.59 -12.29
C6 GLC T . 11.44 5.85 -11.23
O1 GLC T . 10.62 7.28 -15.23
O2 GLC T . 7.90 7.31 -15.36
O3 GLC T . 7.13 7.82 -12.61
O4 GLC T . 9.34 7.98 -10.80
O5 GLC T . 10.59 5.72 -13.43
O6 GLC T . 12.77 5.55 -11.64
OAB N72 U . 14.08 14.64 1.29
CAF N72 U . 12.97 14.66 2.18
CAG N72 U . 11.57 14.71 1.53
OAC N72 U . 11.63 15.06 0.16
CAH N72 U . 10.56 15.39 2.47
OAM N72 U . 11.09 16.16 3.53
CAI N72 U . 9.40 16.28 2.07
OAD N72 U . 9.62 16.87 0.82
CAJ N72 U . 8.06 15.55 2.19
OAE N72 U . 7.98 14.60 2.96
CAK N72 U . 6.78 16.02 1.47
N N72 U . 5.86 16.47 2.50
CA N72 U . 4.53 15.97 2.57
C N72 U . 4.25 14.60 1.96
O N72 U . 3.72 14.69 0.83
CB N72 U . 4.06 16.15 4.01
CG N72 U . 2.91 15.27 4.55
CD N72 U . 2.09 15.95 5.64
OE1 N72 U . 1.85 17.18 5.59
OE2 N72 U . 1.61 15.27 6.58
OXT N72 U . 4.47 13.47 2.49
S SO4 V . -0.56 31.51 -24.02
O1 SO4 V . -1.55 30.64 -24.67
O2 SO4 V . 0.30 32.10 -25.05
O3 SO4 V . 0.27 30.72 -23.10
O4 SO4 V . -1.27 32.58 -23.30
S SO4 W . 7.93 36.40 6.84
O1 SO4 W . 8.16 35.70 5.57
O2 SO4 W . 8.74 37.62 6.87
O3 SO4 W . 6.51 36.74 6.90
O4 SO4 W . 8.32 35.55 7.97
S SO4 X . 7.02 40.12 -9.00
O1 SO4 X . 7.69 40.47 -10.25
O2 SO4 X . 6.60 38.74 -9.06
O3 SO4 X . 5.85 40.99 -8.81
O4 SO4 X . 7.93 40.29 -7.87
S SO4 Y . 11.86 34.84 -6.75
O1 SO4 Y . 13.30 35.00 -6.48
O2 SO4 Y . 11.31 35.95 -7.52
O3 SO4 Y . 11.66 33.64 -7.55
O4 SO4 Y . 11.18 34.73 -5.48
S SO4 Z . 30.16 13.69 19.91
O1 SO4 Z . 30.79 14.98 20.18
O2 SO4 Z . 29.67 13.67 18.52
O3 SO4 Z . 29.03 13.50 20.82
O4 SO4 Z . 31.14 12.62 20.10
S SO4 AA . 18.90 -8.96 29.07
O1 SO4 AA . 19.88 -7.93 29.37
O2 SO4 AA . 18.83 -9.15 27.60
O3 SO4 AA . 17.57 -8.55 29.56
O4 SO4 AA . 19.29 -10.21 29.71
S SO4 BA . -30.17 36.70 7.24
O1 SO4 BA . -30.85 36.39 5.99
O2 SO4 BA . -29.02 37.57 6.96
O3 SO4 BA . -29.72 35.45 7.86
O4 SO4 BA . -31.08 37.40 8.15
S SO4 CA . -22.77 20.09 -11.42
O1 SO4 CA . -24.03 19.85 -12.13
O2 SO4 CA . -21.73 20.42 -12.39
O3 SO4 CA . -22.39 18.91 -10.67
O4 SO4 CA . -22.93 21.22 -10.49
S SO4 DA . -9.90 43.13 -12.29
O1 SO4 DA . -8.78 42.25 -11.94
O2 SO4 DA . -9.71 43.63 -13.64
O3 SO4 DA . -11.16 42.36 -12.21
O4 SO4 DA . -9.95 44.24 -11.34
S SO4 EA . 20.47 15.78 -8.75
O1 SO4 EA . 20.50 14.42 -9.27
O2 SO4 EA . 21.75 16.44 -9.06
O3 SO4 EA . 20.27 15.74 -7.33
O4 SO4 EA . 19.38 16.52 -9.38
S SO4 FA . 6.22 -4.11 24.97
O1 SO4 FA . 6.35 -4.90 23.75
O2 SO4 FA . 7.53 -3.59 25.37
O3 SO4 FA . 5.68 -4.96 26.03
O4 SO4 FA . 5.30 -2.99 24.72
S SO4 GA . 6.22 43.42 -17.13
O1 SO4 GA . 7.25 43.04 -18.09
O2 SO4 GA . 5.94 44.85 -17.24
O3 SO4 GA . 5.00 42.67 -17.38
O4 SO4 GA . 6.69 43.14 -15.76
CL CL HA . -16.58 13.17 4.36
#